data_4F4W
#
_entry.id   4F4W
#
_cell.length_a   52.820
_cell.length_b   99.655
_cell.length_c   101.625
_cell.angle_alpha   90.00
_cell.angle_beta   90.16
_cell.angle_gamma   90.00
#
_symmetry.space_group_name_H-M   'P 1 21 1'
#
loop_
_entity.id
_entity.type
_entity.pdbx_description
1 polymer 'DNA polymerase IV'
2 polymer "DNA (5'-D(*GP*GP*CP*AP*CP*TP*GP*AP*TP*CP*GP*GP*C)-3')"
3 polymer "DNA (5'-D(*TP*TP*AP*CP*GP*GP*CP*CP*GP*AP*TP*CP*AP*GP*TP*GP*CP*C)-3')"
4 non-polymer "2'-DEOXYCYTIDINE-5'-TRIPHOSPHATE"
5 non-polymer 'CALCIUM ION'
6 water water
#
loop_
_entity_poly.entity_id
_entity_poly.type
_entity_poly.pdbx_seq_one_letter_code
_entity_poly.pdbx_strand_id
1 'polypeptide(L)'
;MIVIFVDFDYFFAQVEEVLNPQYKGKPLVVCVYSGRTKTSGAVATANYEARKLGVKAGMPIIKAMQIAPSAIYVPMRKPI
YEAFSNRIMNLLNKHADKIEVASIDEAYLDVTNKVEGNFENGIELARKIKQEILEKEKITVTVGVAPNKILAKIIADKSK
PNGLGVIRPTEVQDFLNELDIDEIPGIGSVLARRLNELGIQKLRDILSKNYNELEKITGKAKALYLLKLAQDEYNEPIRT
RVRKSIGRIVTMKRNSRNLEEIKPYLFRAIEESYYKLDKRIPKAIHVVAVTEDLDIVSRGRTFPHGISKETAYSESVKLL
QKILEEDERKIRRIGVRFSKFIEAIGLDKFFDTGGHHHHHH
;
A,B
2 'polydeoxyribonucleotide' (DG)(DG)(DC)(DA)(DC)(DT)(DG)(DA)(DT)(DC)(DG)(DG)(DC) P,E
3 'polydeoxyribonucleotide' (DT)(DT)(DA)(DC)(DG)(DG)(DC)(DC)(DG)(DA)(DT)(DC)(DA)(DG)(DT)(DG)(DC)(DC) T,F
#
loop_
_chem_comp.id
_chem_comp.type
_chem_comp.name
_chem_comp.formula
CA non-polymer 'CALCIUM ION' 'Ca 2'
DA DNA linking 2'-DEOXYADENOSINE-5'-MONOPHOSPHATE 'C10 H14 N5 O6 P'
DC DNA linking 2'-DEOXYCYTIDINE-5'-MONOPHOSPHATE 'C9 H14 N3 O7 P'
DCP non-polymer 2'-DEOXYCYTIDINE-5'-TRIPHOSPHATE 'C9 H16 N3 O13 P3'
DG DNA linking 2'-DEOXYGUANOSINE-5'-MONOPHOSPHATE 'C10 H14 N5 O7 P'
DT DNA linking THYMIDINE-5'-MONOPHOSPHATE 'C10 H15 N2 O8 P'
#
# COMPACT_ATOMS: atom_id res chain seq x y z
N MET A 1 2.55 36.10 11.30
CA MET A 1 2.26 34.87 10.49
C MET A 1 2.87 34.98 9.10
N ILE A 2 3.49 33.89 8.62
CA ILE A 2 3.93 33.84 7.25
C ILE A 2 3.22 32.67 6.59
N VAL A 3 2.49 32.97 5.52
CA VAL A 3 1.68 31.97 4.83
C VAL A 3 2.19 31.72 3.41
N ILE A 4 2.24 30.44 3.01
CA ILE A 4 2.53 30.07 1.63
C ILE A 4 1.31 29.36 1.08
N PHE A 5 0.72 29.91 0.02
CA PHE A 5 -0.43 29.30 -0.65
C PHE A 5 0.05 28.66 -1.94
N VAL A 6 -0.42 27.45 -2.21
CA VAL A 6 -0.02 26.71 -3.39
C VAL A 6 -1.25 26.27 -4.18
N ASP A 7 -1.25 26.53 -5.48
CA ASP A 7 -2.38 26.25 -6.34
C ASP A 7 -1.82 25.61 -7.61
N PHE A 8 -2.20 24.35 -7.90
CA PHE A 8 -1.53 23.60 -8.97
C PHE A 8 -1.96 24.16 -10.34
N ASP A 9 -1.05 24.30 -11.31
CA ASP A 9 -1.49 24.88 -12.59
C ASP A 9 -2.34 23.91 -13.43
N TYR A 10 -3.44 24.43 -14.01
CA TYR A 10 -4.35 23.70 -14.93
C TYR A 10 -4.43 22.22 -14.58
N PHE A 11 -4.76 21.98 -13.30
CA PHE A 11 -4.37 20.73 -12.65
C PHE A 11 -4.70 19.43 -13.40
N PHE A 12 -5.98 19.16 -13.67
CA PHE A 12 -6.32 17.87 -14.25
C PHE A 12 -5.68 17.68 -15.63
N ALA A 13 -5.65 18.74 -16.44
CA ALA A 13 -5.05 18.64 -17.77
C ALA A 13 -3.54 18.44 -17.67
N GLN A 14 -2.92 19.10 -16.70
CA GLN A 14 -1.49 18.97 -16.50
C GLN A 14 -1.12 17.54 -16.09
N VAL A 15 -1.88 16.96 -15.17
CA VAL A 15 -1.65 15.54 -14.85
C VAL A 15 -1.77 14.68 -16.12
N GLU A 16 -2.77 14.94 -16.94
CA GLU A 16 -2.94 14.16 -18.16
C GLU A 16 -1.72 14.34 -19.07
N GLU A 17 -1.13 15.55 -19.08
CA GLU A 17 0.10 15.80 -19.85
C GLU A 17 1.30 15.05 -19.28
N VAL A 18 1.38 14.92 -17.97
CA VAL A 18 2.45 14.16 -17.35
C VAL A 18 2.33 12.69 -17.75
N LEU A 19 1.10 12.17 -17.76
CA LEU A 19 0.88 10.77 -18.13
C LEU A 19 1.01 10.56 -19.65
N ASN A 20 0.80 11.63 -20.43
CA ASN A 20 0.81 11.58 -21.90
C ASN A 20 1.50 12.83 -22.44
N PRO A 21 2.85 12.87 -22.39
CA PRO A 21 3.52 14.13 -22.68
C PRO A 21 3.35 14.57 -24.13
N GLN A 22 2.93 13.68 -25.00
CA GLN A 22 2.57 14.10 -26.36
C GLN A 22 1.48 15.20 -26.41
N TYR A 23 0.69 15.31 -25.34
CA TYR A 23 -0.38 16.29 -25.28
C TYR A 23 0.16 17.66 -24.98
N LYS A 24 1.35 17.72 -24.41
CA LYS A 24 1.85 18.99 -23.90
C LYS A 24 2.09 19.98 -25.04
N GLY A 25 1.78 21.25 -24.80
CA GLY A 25 1.97 22.31 -25.77
C GLY A 25 0.95 22.35 -26.92
N LYS A 26 -0.07 21.50 -26.86
CA LYS A 26 -1.19 21.58 -27.79
C LYS A 26 -2.49 21.64 -26.97
N PRO A 27 -3.58 22.15 -27.57
CA PRO A 27 -4.85 22.23 -26.82
C PRO A 27 -5.28 20.86 -26.33
N LEU A 28 -5.53 20.79 -25.03
CA LEU A 28 -6.01 19.59 -24.35
C LEU A 28 -7.20 19.96 -23.47
N VAL A 29 -8.30 19.23 -23.59
CA VAL A 29 -9.50 19.46 -22.80
C VAL A 29 -9.91 18.20 -22.01
N VAL A 30 -10.00 18.33 -20.69
CA VAL A 30 -10.42 17.21 -19.82
C VAL A 30 -11.93 17.37 -19.58
N CYS A 31 -12.65 16.32 -19.95
CA CYS A 31 -14.07 16.36 -20.09
C CYS A 31 -14.75 15.41 -19.14
N VAL A 32 -15.91 15.85 -18.71
CA VAL A 32 -16.77 15.03 -17.85
C VAL A 32 -17.95 14.54 -18.70
N TYR A 33 -17.82 13.32 -19.23
CA TYR A 33 -18.83 12.77 -20.11
C TYR A 33 -19.93 12.15 -19.30
N SER A 34 -21.15 12.60 -19.51
CA SER A 34 -22.28 12.14 -18.70
C SER A 34 -22.82 10.80 -19.19
N GLY A 35 -22.57 10.49 -20.46
CA GLY A 35 -22.89 9.19 -21.00
C GLY A 35 -24.24 9.15 -21.69
N ARG A 36 -24.97 10.24 -21.59
CA ARG A 36 -26.26 10.33 -22.27
C ARG A 36 -26.13 10.29 -23.79
N THR A 37 -25.12 10.96 -24.33
CA THR A 37 -24.79 10.84 -25.74
C THR A 37 -23.28 10.67 -25.82
N LYS A 38 -22.75 10.53 -27.03
CA LYS A 38 -21.31 10.40 -27.24
C LYS A 38 -20.55 11.61 -26.69
N THR A 39 -21.20 12.78 -26.72
CA THR A 39 -20.49 14.04 -26.43
C THR A 39 -21.16 14.91 -25.35
N SER A 40 -22.19 14.39 -24.70
CA SER A 40 -22.86 15.14 -23.65
C SER A 40 -21.88 15.22 -22.46
N GLY A 41 -21.79 16.41 -21.86
CA GLY A 41 -20.96 16.58 -20.68
C GLY A 41 -20.45 18.00 -20.57
N ALA A 42 -19.58 18.22 -19.59
CA ALA A 42 -18.98 19.54 -19.37
C ALA A 42 -17.48 19.45 -19.26
N VAL A 43 -16.80 20.57 -19.46
CA VAL A 43 -15.35 20.62 -19.38
C VAL A 43 -14.97 20.80 -17.92
N ALA A 44 -14.09 19.94 -17.43
CA ALA A 44 -13.52 20.09 -16.08
C ALA A 44 -12.38 21.10 -16.11
N THR A 45 -11.49 20.97 -17.10
CA THR A 45 -10.49 21.98 -17.28
C THR A 45 -9.81 21.82 -18.61
N ALA A 46 -9.11 22.88 -19.01
CA ALA A 46 -8.38 22.86 -20.28
C ALA A 46 -7.00 23.40 -20.01
N ASN A 47 -6.03 22.95 -20.77
CA ASN A 47 -4.72 23.54 -20.66
C ASN A 47 -4.72 24.95 -21.28
N TYR A 48 -3.64 25.70 -21.07
CA TYR A 48 -3.65 27.10 -21.47
C TYR A 48 -3.79 27.27 -22.99
N GLU A 49 -3.24 26.33 -23.75
CA GLU A 49 -3.37 26.34 -25.21
C GLU A 49 -4.83 26.24 -25.66
N ALA A 50 -5.61 25.42 -24.96
CA ALA A 50 -7.04 25.32 -25.24
C ALA A 50 -7.78 26.55 -24.75
N ARG A 51 -7.37 27.13 -23.62
CA ARG A 51 -8.02 28.34 -23.13
C ARG A 51 -7.85 29.49 -24.13
N LYS A 52 -6.71 29.55 -24.79
CA LYS A 52 -6.48 30.62 -25.76
C LYS A 52 -7.52 30.60 -26.88
N LEU A 53 -8.16 29.45 -27.10
CA LEU A 53 -9.18 29.28 -28.12
C LEU A 53 -10.61 29.47 -27.62
N GLY A 54 -10.76 29.74 -26.34
CA GLY A 54 -12.06 30.06 -25.77
C GLY A 54 -12.62 28.94 -24.87
N VAL A 55 -11.88 27.87 -24.71
CA VAL A 55 -12.36 26.75 -23.89
C VAL A 55 -12.27 27.13 -22.41
N LYS A 56 -13.38 26.97 -21.68
CA LYS A 56 -13.41 27.31 -20.27
C LYS A 56 -14.01 26.19 -19.42
N ALA A 57 -13.53 26.03 -18.20
CA ALA A 57 -14.10 25.04 -17.27
C ALA A 57 -15.60 25.29 -17.13
N GLY A 58 -16.38 24.21 -17.09
CA GLY A 58 -17.82 24.32 -16.88
C GLY A 58 -18.59 24.36 -18.20
N MET A 59 -17.89 24.63 -19.29
CA MET A 59 -18.60 24.80 -20.57
C MET A 59 -18.99 23.44 -21.10
N PRO A 60 -20.14 23.38 -21.77
CA PRO A 60 -20.59 22.15 -22.43
C PRO A 60 -19.54 21.60 -23.39
N ILE A 61 -19.34 20.29 -23.39
CA ILE A 61 -18.34 19.66 -24.25
C ILE A 61 -18.59 20.01 -25.71
N ILE A 62 -19.85 19.95 -26.11
CA ILE A 62 -20.22 20.25 -27.49
C ILE A 62 -19.82 21.66 -27.91
N LYS A 63 -19.96 22.63 -27.02
CA LYS A 63 -19.55 23.99 -27.29
C LYS A 63 -18.04 24.16 -27.41
N ALA A 64 -17.30 23.48 -26.55
CA ALA A 64 -15.85 23.48 -26.64
C ALA A 64 -15.50 22.96 -28.01
N MET A 65 -16.11 21.84 -28.37
CA MET A 65 -15.80 21.17 -29.65
C MET A 65 -16.13 22.09 -30.84
N GLN A 66 -17.14 22.95 -30.69
CA GLN A 66 -17.48 23.93 -31.74
C GLN A 66 -16.34 24.93 -31.95
N ILE A 67 -15.75 25.43 -30.88
CA ILE A 67 -14.73 26.46 -31.01
C ILE A 67 -13.29 25.96 -31.09
N ALA A 68 -13.05 24.73 -30.68
CA ALA A 68 -11.69 24.18 -30.69
C ALA A 68 -11.74 22.74 -31.12
N PRO A 69 -12.24 22.51 -32.34
CA PRO A 69 -12.54 21.14 -32.75
C PRO A 69 -11.30 20.29 -32.94
N SER A 70 -10.14 20.91 -33.00
CA SER A 70 -8.91 20.12 -33.17
C SER A 70 -8.17 19.89 -31.85
N ALA A 71 -8.72 20.37 -30.74
CA ALA A 71 -8.14 20.06 -29.45
C ALA A 71 -8.24 18.56 -29.16
N ILE A 72 -7.42 18.06 -28.24
CA ILE A 72 -7.53 16.67 -27.82
C ILE A 72 -8.52 16.68 -26.65
N TYR A 73 -9.53 15.82 -26.74
CA TYR A 73 -10.60 15.73 -25.73
C TYR A 73 -10.43 14.40 -25.02
N VAL A 74 -10.17 14.45 -23.71
CA VAL A 74 -10.00 13.21 -22.92
C VAL A 74 -10.95 13.18 -21.69
N PRO A 75 -11.34 11.96 -21.29
CA PRO A 75 -12.27 11.80 -20.16
C PRO A 75 -11.57 12.03 -18.84
N MET A 76 -12.31 12.55 -17.88
CA MET A 76 -11.77 12.87 -16.57
C MET A 76 -11.39 11.53 -15.90
N ARG A 77 -10.20 11.46 -15.31
CA ARG A 77 -9.77 10.30 -14.53
C ARG A 77 -9.49 10.75 -13.08
N LYS A 78 -10.55 11.12 -12.39
CA LYS A 78 -10.39 11.80 -11.09
C LYS A 78 -9.53 11.02 -10.07
N PRO A 79 -9.62 9.69 -10.03
CA PRO A 79 -8.78 9.02 -9.03
C PRO A 79 -7.31 9.24 -9.24
N ILE A 80 -6.88 9.36 -10.48
CA ILE A 80 -5.48 9.59 -10.71
C ILE A 80 -5.09 10.99 -10.23
N TYR A 81 -5.96 11.97 -10.50
CA TYR A 81 -5.69 13.35 -10.07
C TYR A 81 -5.65 13.42 -8.52
N GLU A 82 -6.50 12.64 -7.86
CA GLU A 82 -6.53 12.57 -6.39
C GLU A 82 -5.23 12.00 -5.84
N ALA A 83 -4.65 11.06 -6.59
CA ALA A 83 -3.41 10.42 -6.19
C ALA A 83 -2.27 11.41 -6.29
N PHE A 84 -2.20 12.10 -7.43
CA PHE A 84 -1.21 13.16 -7.58
C PHE A 84 -1.40 14.16 -6.46
N SER A 85 -2.64 14.58 -6.24
CA SER A 85 -2.90 15.59 -5.22
C SER A 85 -2.41 15.09 -3.87
N ASN A 86 -2.80 13.86 -3.52
CA ASN A 86 -2.39 13.32 -2.22
C ASN A 86 -0.88 13.32 -2.05
N ARG A 87 -0.12 12.97 -3.08
CA ARG A 87 1.33 12.95 -2.93
C ARG A 87 1.89 14.35 -2.78
N ILE A 88 1.35 15.29 -3.55
CA ILE A 88 1.84 16.66 -3.45
C ILE A 88 1.57 17.24 -2.06
N MET A 89 0.34 17.09 -1.56
CA MET A 89 -0.02 17.61 -0.25
C MET A 89 0.89 17.01 0.80
N ASN A 90 1.26 15.75 0.62
CA ASN A 90 2.19 15.10 1.54
C ASN A 90 3.57 15.75 1.47
N LEU A 91 4.01 16.18 0.29
CA LEU A 91 5.29 16.88 0.22
C LEU A 91 5.20 18.25 0.92
N LEU A 92 4.08 18.94 0.71
CA LEU A 92 3.88 20.27 1.29
C LEU A 92 3.91 20.18 2.81
N ASN A 93 3.20 19.19 3.35
CA ASN A 93 3.03 19.04 4.78
C ASN A 93 4.34 19.06 5.56
N LYS A 94 5.40 18.52 4.97
CA LYS A 94 6.67 18.44 5.68
C LYS A 94 7.39 19.78 5.76
N HIS A 95 6.91 20.78 5.01
CA HIS A 95 7.54 22.10 5.01
C HIS A 95 6.80 23.09 5.88
N ALA A 96 5.70 22.63 6.48
CA ALA A 96 4.78 23.52 7.19
C ALA A 96 4.68 23.19 8.67
N ASP A 97 4.67 24.25 9.47
CA ASP A 97 4.19 24.18 10.84
C ASP A 97 2.76 23.59 10.87
N LYS A 98 1.91 24.11 9.99
CA LYS A 98 0.51 23.66 9.90
C LYS A 98 0.11 23.73 8.42
N ILE A 99 -0.78 22.83 7.98
CA ILE A 99 -1.26 22.89 6.60
C ILE A 99 -2.77 22.81 6.53
N GLU A 100 -3.33 23.64 5.66
CA GLU A 100 -4.73 23.58 5.33
C GLU A 100 -4.95 23.19 3.86
N VAL A 101 -5.45 21.97 3.65
CA VAL A 101 -5.75 21.49 2.31
C VAL A 101 -7.13 21.98 1.97
N ALA A 102 -7.20 22.92 1.03
CA ALA A 102 -8.43 23.63 0.76
C ALA A 102 -9.26 22.95 -0.30
N SER A 103 -8.62 22.22 -1.20
CA SER A 103 -9.32 21.57 -2.30
C SER A 103 -8.36 20.56 -2.89
N ILE A 104 -8.77 19.86 -3.92
CA ILE A 104 -7.91 18.87 -4.56
C ILE A 104 -6.62 19.49 -5.11
N ASP A 105 -6.61 20.79 -5.36
CA ASP A 105 -5.37 21.33 -5.89
C ASP A 105 -4.85 22.58 -5.24
N GLU A 106 -5.26 22.86 -4.01
CA GLU A 106 -4.65 23.99 -3.34
C GLU A 106 -4.57 23.82 -1.83
N ALA A 107 -3.53 24.43 -1.25
CA ALA A 107 -3.33 24.36 0.18
C ALA A 107 -2.68 25.64 0.71
N TYR A 108 -2.93 25.90 1.99
CA TYR A 108 -2.28 26.97 2.76
C TYR A 108 -1.30 26.36 3.73
N LEU A 109 -0.08 26.86 3.73
CA LEU A 109 0.90 26.45 4.72
C LEU A 109 1.23 27.58 5.68
N ASP A 110 1.21 27.29 6.97
CA ASP A 110 1.77 28.24 7.95
C ASP A 110 3.22 27.83 8.21
N VAL A 111 4.16 28.66 7.76
CA VAL A 111 5.58 28.35 7.85
C VAL A 111 6.33 29.34 8.75
N THR A 112 5.56 30.08 9.54
CA THR A 112 6.07 31.09 10.46
C THR A 112 7.25 30.56 11.27
N ASN A 113 7.02 29.50 12.03
CA ASN A 113 8.07 28.95 12.87
C ASN A 113 9.13 28.22 12.05
N LYS A 114 8.71 27.52 11.00
CA LYS A 114 9.64 26.84 10.11
C LYS A 114 10.73 27.80 9.63
N VAL A 115 10.39 29.08 9.46
CA VAL A 115 11.37 30.04 8.93
C VAL A 115 11.77 31.11 9.96
N GLU A 116 11.49 30.87 11.23
CA GLU A 116 11.91 31.81 12.27
C GLU A 116 11.38 33.21 12.01
N GLY A 117 10.10 33.30 11.62
CA GLY A 117 9.45 34.57 11.36
C GLY A 117 10.19 35.45 10.38
N ASN A 118 11.12 34.86 9.63
CA ASN A 118 11.89 35.59 8.65
C ASN A 118 11.22 35.50 7.28
N PHE A 119 10.65 36.61 6.86
CA PHE A 119 9.80 36.62 5.68
C PHE A 119 10.56 36.24 4.41
N GLU A 120 11.80 36.73 4.26
CA GLU A 120 12.61 36.40 3.10
C GLU A 120 12.96 34.90 3.03
N ASN A 121 13.28 34.31 4.17
CA ASN A 121 13.45 32.85 4.26
C ASN A 121 12.15 32.15 3.84
N GLY A 122 11.01 32.78 4.11
CA GLY A 122 9.73 32.27 3.62
C GLY A 122 9.68 32.20 2.11
N ILE A 123 10.15 33.24 1.46
CA ILE A 123 10.19 33.26 0.00
C ILE A 123 11.09 32.15 -0.52
N GLU A 124 12.29 32.02 0.06
CA GLU A 124 13.21 30.96 -0.34
C GLU A 124 12.57 29.59 -0.18
N LEU A 125 11.81 29.41 0.91
CA LEU A 125 11.12 28.14 1.16
C LEU A 125 10.12 27.87 0.04
N ALA A 126 9.42 28.92 -0.37
CA ALA A 126 8.46 28.83 -1.44
C ALA A 126 9.14 28.39 -2.75
N ARG A 127 10.31 28.93 -3.05
CA ARG A 127 11.04 28.54 -4.24
C ARG A 127 11.44 27.07 -4.13
N LYS A 128 11.89 26.64 -2.97
CA LYS A 128 12.28 25.25 -2.80
C LYS A 128 11.07 24.33 -2.97
N ILE A 129 9.91 24.82 -2.54
CA ILE A 129 8.72 24.00 -2.61
C ILE A 129 8.37 23.74 -4.07
N LYS A 130 8.37 24.80 -4.89
CA LYS A 130 8.07 24.70 -6.32
C LYS A 130 9.04 23.81 -7.03
N GLN A 131 10.31 23.91 -6.64
CA GLN A 131 11.37 23.10 -7.25
C GLN A 131 11.14 21.62 -6.94
N GLU A 132 10.81 21.30 -5.70
CA GLU A 132 10.62 19.93 -5.29
C GLU A 132 9.42 19.29 -5.99
N ILE A 133 8.31 20.01 -6.04
CA ILE A 133 7.13 19.47 -6.69
C ILE A 133 7.40 19.22 -8.17
N LEU A 134 8.13 20.12 -8.80
CA LEU A 134 8.50 19.95 -10.19
C LEU A 134 9.42 18.74 -10.39
N GLU A 135 10.46 18.64 -9.57
CA GLU A 135 11.38 17.51 -9.64
C GLU A 135 10.66 16.19 -9.42
N LYS A 136 9.92 16.08 -8.33
CA LYS A 136 9.32 14.83 -7.93
C LYS A 136 8.08 14.39 -8.72
N GLU A 137 7.23 15.34 -9.11
CA GLU A 137 6.00 14.97 -9.82
C GLU A 137 5.87 15.55 -11.23
N LYS A 138 6.82 16.39 -11.63
CA LYS A 138 6.76 17.06 -12.91
C LYS A 138 5.51 17.94 -13.06
N ILE A 139 5.05 18.46 -11.93
CA ILE A 139 3.91 19.41 -11.89
C ILE A 139 4.39 20.83 -11.55
N THR A 140 3.98 21.80 -12.38
CA THR A 140 4.23 23.22 -12.10
C THR A 140 3.07 23.74 -11.26
N VAL A 141 3.38 24.63 -10.33
CA VAL A 141 2.38 25.21 -9.45
C VAL A 141 2.63 26.71 -9.36
N THR A 142 1.62 27.41 -8.87
CA THR A 142 1.75 28.82 -8.59
C THR A 142 1.66 29.01 -7.11
N VAL A 143 2.56 29.82 -6.57
CA VAL A 143 2.64 29.99 -5.15
C VAL A 143 2.45 31.47 -4.82
N GLY A 144 1.93 31.75 -3.63
CA GLY A 144 1.81 33.11 -3.12
C GLY A 144 2.31 33.14 -1.70
N VAL A 145 3.10 34.14 -1.33
CA VAL A 145 3.65 34.22 0.00
C VAL A 145 3.20 35.55 0.61
N ALA A 146 2.57 35.52 1.78
CA ALA A 146 2.00 36.75 2.37
C ALA A 146 1.75 36.59 3.86
N PRO A 147 1.40 37.69 4.54
CA PRO A 147 1.18 37.63 5.99
C PRO A 147 -0.11 36.91 6.38
N ASN A 148 -1.03 36.72 5.44
CA ASN A 148 -2.25 35.97 5.72
C ASN A 148 -2.77 35.20 4.49
N LYS A 149 -3.68 34.27 4.75
CA LYS A 149 -4.21 33.36 3.73
C LYS A 149 -4.78 34.09 2.54
N ILE A 150 -5.58 35.11 2.81
CA ILE A 150 -6.31 35.74 1.73
C ILE A 150 -5.37 36.51 0.76
N LEU A 151 -4.37 37.20 1.30
CA LEU A 151 -3.44 37.90 0.44
C LEU A 151 -2.54 36.88 -0.30
N ALA A 152 -2.26 35.76 0.36
CA ALA A 152 -1.45 34.72 -0.27
C ALA A 152 -2.16 34.23 -1.52
N LYS A 153 -3.47 33.98 -1.41
CA LYS A 153 -4.27 33.53 -2.55
C LYS A 153 -4.35 34.58 -3.63
N ILE A 154 -4.69 35.82 -3.26
CA ILE A 154 -4.80 36.89 -4.26
C ILE A 154 -3.50 37.06 -5.04
N ILE A 155 -2.35 37.10 -4.37
CA ILE A 155 -1.10 37.30 -5.09
C ILE A 155 -0.74 36.07 -5.95
N ALA A 156 -1.04 34.86 -5.48
CA ALA A 156 -0.86 33.68 -6.34
C ALA A 156 -1.73 33.85 -7.59
N ASP A 157 -3.01 34.14 -7.38
CA ASP A 157 -3.90 34.27 -8.53
C ASP A 157 -3.32 35.28 -9.54
N LYS A 158 -2.68 36.32 -9.05
CA LYS A 158 -2.15 37.34 -9.94
C LYS A 158 -0.87 36.91 -10.66
N SER A 159 -0.30 35.78 -10.24
CA SER A 159 0.99 35.33 -10.76
C SER A 159 0.90 34.07 -11.63
N LYS A 160 -0.31 33.57 -11.91
CA LYS A 160 -0.46 32.34 -12.70
C LYS A 160 -0.05 32.61 -14.14
N PRO A 161 0.51 31.61 -14.83
CA PRO A 161 0.83 30.27 -14.34
C PRO A 161 2.28 30.19 -13.88
N ASN A 162 2.60 29.11 -13.17
CA ASN A 162 3.96 28.84 -12.72
C ASN A 162 4.58 30.04 -12.02
N GLY A 163 3.80 30.69 -11.18
CA GLY A 163 4.26 31.93 -10.57
C GLY A 163 4.72 31.80 -9.14
N LEU A 164 5.31 32.87 -8.62
CA LEU A 164 5.68 32.95 -7.24
C LEU A 164 5.41 34.39 -6.86
N GLY A 165 4.24 34.61 -6.27
CA GLY A 165 3.80 35.95 -5.92
C GLY A 165 4.16 36.27 -4.50
N VAL A 166 4.48 37.54 -4.24
CA VAL A 166 4.89 37.94 -2.90
C VAL A 166 4.27 39.28 -2.48
N ILE A 167 3.77 39.32 -1.25
CA ILE A 167 3.33 40.58 -0.66
C ILE A 167 3.95 40.65 0.73
N ARG A 168 4.90 41.56 0.92
CA ARG A 168 5.58 41.71 2.19
C ARG A 168 4.74 42.44 3.20
N PRO A 169 5.02 42.24 4.49
CA PRO A 169 4.21 42.94 5.49
C PRO A 169 4.16 44.44 5.24
N THR A 170 5.24 45.00 4.70
CA THR A 170 5.32 46.44 4.51
C THR A 170 4.52 46.91 3.30
N GLU A 171 4.23 45.99 2.37
CA GLU A 171 3.52 46.32 1.13
C GLU A 171 1.99 46.14 1.23
N VAL A 172 1.54 45.54 2.32
CA VAL A 172 0.12 45.18 2.46
C VAL A 172 -0.84 46.36 2.34
N GLN A 173 -0.58 47.47 3.03
CA GLN A 173 -1.57 48.55 2.99
C GLN A 173 -1.67 49.16 1.60
N ASP A 174 -0.54 49.44 0.97
CA ASP A 174 -0.59 49.90 -0.41
C ASP A 174 -1.34 48.89 -1.28
N PHE A 175 -1.03 47.61 -1.12
CA PHE A 175 -1.65 46.59 -1.94
C PHE A 175 -3.18 46.61 -1.78
N LEU A 176 -3.65 46.72 -0.55
CA LEU A 176 -5.10 46.67 -0.29
C LEU A 176 -5.75 47.94 -0.79
N ASN A 177 -5.01 49.03 -0.81
CA ASN A 177 -5.56 50.28 -1.30
C ASN A 177 -5.76 50.27 -2.82
N GLU A 178 -5.08 49.37 -3.50
CA GLU A 178 -5.16 49.38 -4.95
C GLU A 178 -5.94 48.19 -5.51
N LEU A 179 -6.31 47.25 -4.65
CA LEU A 179 -6.95 46.02 -5.12
C LEU A 179 -8.34 46.29 -5.71
N ASP A 180 -8.60 45.73 -6.90
CA ASP A 180 -9.93 45.76 -7.52
C ASP A 180 -10.90 44.79 -6.90
N ILE A 181 -12.16 45.20 -6.84
CA ILE A 181 -13.20 44.43 -6.19
C ILE A 181 -13.35 43.04 -6.81
N ASP A 182 -13.20 42.96 -8.12
CA ASP A 182 -13.45 41.68 -8.79
C ASP A 182 -12.27 40.73 -8.61
N GLU A 183 -11.19 41.22 -7.99
CA GLU A 183 -10.01 40.38 -7.75
C GLU A 183 -10.05 39.73 -6.37
N ILE A 184 -11.17 39.83 -5.69
CA ILE A 184 -11.25 39.36 -4.32
C ILE A 184 -11.86 37.97 -4.32
N PRO A 185 -11.15 37.00 -3.72
CA PRO A 185 -11.73 35.66 -3.59
C PRO A 185 -13.07 35.71 -2.89
N GLY A 186 -14.04 35.02 -3.48
CA GLY A 186 -15.33 34.89 -2.86
C GLY A 186 -16.31 35.93 -3.36
N ILE A 187 -15.86 36.82 -4.24
CA ILE A 187 -16.79 37.77 -4.84
C ILE A 187 -16.97 37.42 -6.30
N GLY A 188 -18.05 36.70 -6.58
CA GLY A 188 -18.32 36.23 -7.93
C GLY A 188 -18.69 37.34 -8.90
N SER A 189 -18.72 36.99 -10.17
CA SER A 189 -18.97 37.93 -11.26
C SER A 189 -20.22 38.81 -11.08
N VAL A 190 -21.32 38.20 -10.66
CA VAL A 190 -22.58 38.91 -10.53
C VAL A 190 -22.45 40.02 -9.49
N LEU A 191 -22.00 39.62 -8.31
CA LEU A 191 -21.99 40.51 -7.17
C LEU A 191 -20.98 41.61 -7.43
N ALA A 192 -19.87 41.23 -8.03
CA ALA A 192 -18.87 42.21 -8.37
C ALA A 192 -19.56 43.33 -9.14
N ARG A 193 -20.32 43.00 -10.19
CA ARG A 193 -20.93 44.03 -11.04
C ARG A 193 -21.94 44.85 -10.23
N ARG A 194 -22.76 44.17 -9.43
CA ARG A 194 -23.69 44.86 -8.55
C ARG A 194 -23.01 45.90 -7.65
N LEU A 195 -21.97 45.50 -6.90
CA LEU A 195 -21.14 46.45 -6.16
C LEU A 195 -20.57 47.51 -7.10
N ASN A 196 -20.05 47.07 -8.23
CA ASN A 196 -19.52 47.96 -9.27
C ASN A 196 -20.55 49.00 -9.70
N GLU A 197 -21.80 48.54 -9.82
CA GLU A 197 -22.90 49.39 -10.24
C GLU A 197 -23.16 50.47 -9.22
N LEU A 198 -22.78 50.18 -7.97
CA LEU A 198 -23.01 51.10 -6.88
C LEU A 198 -21.76 51.95 -6.57
N GLY A 199 -20.81 51.95 -7.49
CA GLY A 199 -19.61 52.77 -7.37
C GLY A 199 -18.50 52.14 -6.53
N ILE A 200 -18.66 50.87 -6.22
CA ILE A 200 -17.63 50.14 -5.48
C ILE A 200 -16.78 49.36 -6.50
N GLN A 201 -15.67 49.96 -6.89
CA GLN A 201 -14.81 49.43 -7.94
C GLN A 201 -13.53 48.84 -7.32
N LYS A 202 -13.17 49.34 -6.15
CA LYS A 202 -11.93 48.94 -5.50
C LYS A 202 -12.23 48.57 -4.08
N LEU A 203 -11.39 47.69 -3.52
CA LEU A 203 -11.63 47.22 -2.16
C LEU A 203 -11.79 48.41 -1.19
N ARG A 204 -10.90 49.40 -1.32
CA ARG A 204 -10.93 50.56 -0.41
C ARG A 204 -12.31 51.25 -0.43
N ASP A 205 -13.04 51.12 -1.54
CA ASP A 205 -14.35 51.77 -1.66
C ASP A 205 -15.37 51.21 -0.68
N ILE A 206 -15.08 50.03 -0.11
CA ILE A 206 -15.95 49.38 0.86
C ILE A 206 -16.03 50.22 2.10
N LEU A 207 -14.93 50.89 2.41
CA LEU A 207 -14.84 51.67 3.65
C LEU A 207 -15.85 52.82 3.68
N SER A 208 -16.28 53.25 2.50
CA SER A 208 -17.25 54.33 2.36
C SER A 208 -18.61 53.91 2.89
N LYS A 209 -18.99 52.65 2.67
CA LYS A 209 -20.25 52.14 3.18
C LYS A 209 -20.09 51.56 4.59
N ASN A 210 -21.20 51.45 5.31
CA ASN A 210 -21.22 50.80 6.61
C ASN A 210 -21.89 49.43 6.50
N TYR A 211 -21.88 48.66 7.59
CA TYR A 211 -22.36 47.29 7.51
C TYR A 211 -23.83 47.16 7.04
N ASN A 212 -24.75 47.86 7.71
CA ASN A 212 -26.16 47.78 7.34
C ASN A 212 -26.38 48.12 5.87
N GLU A 213 -25.63 49.10 5.38
CA GLU A 213 -25.72 49.50 3.99
C GLU A 213 -25.25 48.37 3.08
N LEU A 214 -24.08 47.81 3.40
CA LEU A 214 -23.46 46.82 2.54
C LEU A 214 -24.22 45.48 2.58
N GLU A 215 -24.72 45.12 3.75
CA GLU A 215 -25.47 43.86 3.91
C GLU A 215 -26.58 43.77 2.88
N LYS A 216 -27.28 44.87 2.67
CA LYS A 216 -28.37 44.90 1.68
C LYS A 216 -27.86 44.56 0.28
N ILE A 217 -26.59 44.85 0.02
CA ILE A 217 -26.01 44.61 -1.29
C ILE A 217 -25.32 43.24 -1.39
N THR A 218 -24.73 42.75 -0.29
CA THR A 218 -23.89 41.54 -0.36
C THR A 218 -24.36 40.34 0.47
N GLY A 219 -25.19 40.57 1.48
CA GLY A 219 -25.47 39.55 2.46
C GLY A 219 -24.52 39.67 3.64
N LYS A 220 -24.94 39.19 4.80
CA LYS A 220 -24.17 39.31 6.04
C LYS A 220 -22.72 38.81 5.93
N ALA A 221 -22.57 37.53 5.61
CA ALA A 221 -21.26 36.91 5.48
C ALA A 221 -20.30 37.72 4.60
N LYS A 222 -20.73 38.05 3.37
CA LYS A 222 -19.89 38.76 2.44
C LYS A 222 -19.58 40.21 2.95
N ALA A 223 -20.55 40.82 3.62
CA ALA A 223 -20.34 42.18 4.15
C ALA A 223 -19.28 42.20 5.26
N LEU A 224 -19.34 41.25 6.18
CA LEU A 224 -18.40 41.21 7.28
C LEU A 224 -17.00 40.92 6.76
N TYR A 225 -16.94 40.02 5.78
CA TYR A 225 -15.68 39.64 5.15
C TYR A 225 -14.99 40.82 4.45
N LEU A 226 -15.75 41.53 3.62
CA LEU A 226 -15.22 42.66 2.86
C LEU A 226 -14.77 43.81 3.77
N LEU A 227 -15.55 44.09 4.81
CA LEU A 227 -15.23 45.21 5.70
C LEU A 227 -13.96 44.86 6.46
N LYS A 228 -13.82 43.60 6.82
CA LYS A 228 -12.60 43.17 7.51
C LYS A 228 -11.39 43.24 6.57
N LEU A 229 -11.54 42.75 5.36
CA LEU A 229 -10.43 42.66 4.42
C LEU A 229 -9.92 44.06 4.11
N ALA A 230 -10.87 44.96 3.93
CA ALA A 230 -10.55 46.32 3.53
C ALA A 230 -9.70 47.01 4.61
N GLN A 231 -9.86 46.57 5.85
CA GLN A 231 -9.16 47.17 6.98
C GLN A 231 -7.89 46.38 7.33
N ASP A 232 -7.54 45.41 6.50
CA ASP A 232 -6.45 44.49 6.80
C ASP A 232 -6.66 43.92 8.19
N GLU A 233 -7.88 43.47 8.45
CA GLU A 233 -8.21 42.82 9.71
C GLU A 233 -8.63 41.40 9.47
N TYR A 234 -8.33 40.91 8.28
CA TYR A 234 -8.50 39.50 8.01
C TYR A 234 -7.23 38.82 8.51
N ASN A 235 -7.39 37.78 9.30
CA ASN A 235 -6.22 37.06 9.79
C ASN A 235 -6.58 35.64 10.18
N GLU A 236 -7.57 35.06 9.52
CA GLU A 236 -8.05 33.71 9.86
CA GLU A 236 -8.04 33.72 9.86
C GLU A 236 -6.92 32.68 9.89
N PRO A 237 -7.01 31.73 10.82
CA PRO A 237 -6.00 30.71 11.04
C PRO A 237 -6.00 29.64 9.95
N ILE A 238 -4.84 29.01 9.78
CA ILE A 238 -4.74 27.81 8.97
C ILE A 238 -5.35 26.66 9.77
N ARG A 239 -6.35 25.99 9.21
CA ARG A 239 -7.05 24.96 9.97
C ARG A 239 -7.14 23.66 9.18
N THR A 240 -7.03 22.55 9.88
CA THR A 240 -7.14 21.25 9.25
C THR A 240 -8.56 21.11 8.76
N ARG A 241 -8.74 20.81 7.49
CA ARG A 241 -10.09 20.69 6.97
C ARG A 241 -10.60 19.26 7.15
N VAL A 242 -11.87 19.16 7.49
CA VAL A 242 -12.55 17.92 7.79
C VAL A 242 -13.73 17.80 6.81
N ARG A 243 -13.80 16.69 6.08
CA ARG A 243 -14.88 16.42 5.15
C ARG A 243 -16.20 16.43 5.91
N LYS A 244 -17.14 17.23 5.43
CA LYS A 244 -18.41 17.40 6.11
C LYS A 244 -19.59 16.76 5.36
N SER A 245 -19.39 16.36 4.12
CA SER A 245 -20.45 15.69 3.37
C SER A 245 -19.84 14.86 2.30
N ILE A 246 -20.57 13.83 1.89
CA ILE A 246 -20.09 12.91 0.88
C ILE A 246 -21.30 12.51 0.06
N GLY A 247 -21.17 12.59 -1.25
CA GLY A 247 -22.33 12.32 -2.08
C GLY A 247 -21.97 11.85 -3.47
N ARG A 248 -23.00 11.59 -4.24
CA ARG A 248 -22.82 11.06 -5.58
C ARG A 248 -24.05 11.42 -6.40
N ILE A 249 -23.85 11.86 -7.64
CA ILE A 249 -24.98 12.25 -8.46
C ILE A 249 -24.67 11.86 -9.91
N VAL A 250 -25.65 11.27 -10.60
CA VAL A 250 -25.40 10.65 -11.90
C VAL A 250 -26.46 11.14 -12.89
N THR A 251 -26.07 11.18 -14.15
CA THR A 251 -26.95 11.56 -15.23
C THR A 251 -27.66 10.31 -15.72
N MET A 252 -28.98 10.37 -15.82
CA MET A 252 -29.73 9.20 -16.27
C MET A 252 -29.74 9.13 -17.81
N LYS A 253 -29.94 7.93 -18.35
CA LYS A 253 -29.88 7.76 -19.80
C LYS A 253 -30.97 8.60 -20.47
N ARG A 254 -32.10 8.72 -19.80
CA ARG A 254 -33.11 9.66 -20.29
C ARG A 254 -33.81 10.32 -19.11
N ASN A 255 -34.47 11.44 -19.37
CA ASN A 255 -35.15 12.15 -18.32
C ASN A 255 -36.35 11.34 -17.91
N SER A 256 -36.90 11.69 -16.76
CA SER A 256 -37.95 10.84 -16.23
C SER A 256 -38.55 11.40 -14.98
N ARG A 257 -39.78 10.96 -14.75
CA ARG A 257 -40.49 11.19 -13.52
C ARG A 257 -41.07 9.85 -13.10
N ASN A 258 -40.51 8.77 -13.65
CA ASN A 258 -40.96 7.44 -13.29
C ASN A 258 -40.15 6.87 -12.16
N LEU A 259 -40.78 6.74 -11.01
CA LEU A 259 -40.09 6.27 -9.83
C LEU A 259 -39.28 5.02 -10.08
N GLU A 260 -39.87 4.01 -10.72
CA GLU A 260 -39.13 2.77 -10.93
C GLU A 260 -37.94 2.97 -11.90
N GLU A 261 -38.03 3.98 -12.75
CA GLU A 261 -36.96 4.24 -13.71
C GLU A 261 -35.79 4.92 -12.98
N ILE A 262 -36.13 5.81 -12.05
CA ILE A 262 -35.13 6.59 -11.33
C ILE A 262 -34.42 5.80 -10.24
N LYS A 263 -35.14 4.94 -9.52
CA LYS A 263 -34.58 4.25 -8.35
C LYS A 263 -33.21 3.60 -8.53
N PRO A 264 -33.00 2.89 -9.64
CA PRO A 264 -31.72 2.18 -9.76
C PRO A 264 -30.51 3.15 -9.74
N TYR A 265 -30.70 4.30 -10.35
CA TYR A 265 -29.66 5.33 -10.38
C TYR A 265 -29.44 5.86 -8.98
N LEU A 266 -30.53 6.10 -8.28
CA LEU A 266 -30.45 6.62 -6.91
C LEU A 266 -29.77 5.62 -5.99
N PHE A 267 -30.11 4.33 -6.12
CA PHE A 267 -29.54 3.31 -5.25
C PHE A 267 -28.07 3.09 -5.53
N ARG A 268 -27.68 3.14 -6.81
CA ARG A 268 -26.25 3.05 -7.11
C ARG A 268 -25.52 4.24 -6.46
N ALA A 269 -26.16 5.42 -6.46
CA ALA A 269 -25.52 6.59 -5.89
C ALA A 269 -25.33 6.43 -4.38
N ILE A 270 -26.33 5.85 -3.74
CA ILE A 270 -26.24 5.53 -2.34
C ILE A 270 -25.15 4.53 -2.05
N GLU A 271 -25.10 3.48 -2.86
CA GLU A 271 -24.13 2.44 -2.65
C GLU A 271 -22.70 3.02 -2.75
N GLU A 272 -22.45 3.79 -3.80
CA GLU A 272 -21.13 4.38 -4.03
C GLU A 272 -20.82 5.39 -2.95
N SER A 273 -21.85 6.09 -2.48
CA SER A 273 -21.68 7.00 -1.35
C SER A 273 -21.26 6.27 -0.08
N TYR A 274 -21.91 5.15 0.22
CA TYR A 274 -21.59 4.44 1.46
C TYR A 274 -20.20 3.82 1.41
N TYR A 275 -19.78 3.41 0.23
CA TYR A 275 -18.42 2.92 0.04
C TYR A 275 -17.42 4.01 0.43
N LYS A 276 -17.68 5.22 -0.06
CA LYS A 276 -16.81 6.36 0.27
C LYS A 276 -16.92 6.77 1.74
N LEU A 277 -18.11 6.69 2.32
CA LEU A 277 -18.26 7.02 3.73
C LEU A 277 -17.35 6.11 4.57
N ASP A 278 -17.29 4.85 4.17
CA ASP A 278 -16.51 3.85 4.90
C ASP A 278 -17.06 3.68 6.31
N LYS A 279 -16.35 4.19 7.32
CA LYS A 279 -16.80 3.97 8.69
C LYS A 279 -17.59 5.14 9.23
N ARG A 280 -17.70 6.20 8.44
CA ARG A 280 -18.49 7.35 8.88
C ARG A 280 -19.97 7.04 8.77
N ILE A 281 -20.73 7.43 9.77
CA ILE A 281 -22.15 7.16 9.78
C ILE A 281 -22.89 8.48 9.77
N PRO A 282 -23.66 8.74 8.70
CA PRO A 282 -24.33 10.03 8.52
C PRO A 282 -25.67 10.10 9.26
N LYS A 283 -26.00 11.27 9.82
CA LYS A 283 -27.36 11.47 10.34
C LYS A 283 -28.27 12.23 9.39
N ALA A 284 -27.73 12.77 8.29
CA ALA A 284 -28.58 13.53 7.38
C ALA A 284 -28.41 13.02 5.97
N ILE A 285 -29.51 13.03 5.23
CA ILE A 285 -29.54 12.62 3.85
C ILE A 285 -30.34 13.63 3.05
N HIS A 286 -29.78 14.05 1.92
CA HIS A 286 -30.50 14.90 1.00
C HIS A 286 -30.48 14.30 -0.39
N VAL A 287 -31.63 14.29 -1.04
CA VAL A 287 -31.72 13.77 -2.41
C VAL A 287 -31.72 15.00 -3.29
N VAL A 288 -30.90 14.96 -4.34
CA VAL A 288 -30.69 16.11 -5.18
C VAL A 288 -31.06 15.72 -6.59
N ALA A 289 -31.87 16.56 -7.22
CA ALA A 289 -32.30 16.34 -8.60
C ALA A 289 -31.88 17.52 -9.46
N VAL A 290 -31.25 17.23 -10.61
CA VAL A 290 -31.02 18.22 -11.64
C VAL A 290 -32.12 18.00 -12.65
N THR A 291 -32.94 19.03 -12.85
CA THR A 291 -34.14 18.90 -13.67
C THR A 291 -33.80 19.11 -15.15
N GLU A 292 -34.79 18.86 -16.01
CA GLU A 292 -34.67 19.01 -17.46
C GLU A 292 -33.94 20.27 -17.91
N ASP A 293 -34.21 21.38 -17.24
CA ASP A 293 -33.67 22.68 -17.59
C ASP A 293 -32.44 23.02 -16.79
N LEU A 294 -31.87 22.02 -16.14
CA LEU A 294 -30.62 22.17 -15.40
C LEU A 294 -30.76 22.99 -14.11
N ASP A 295 -31.99 23.16 -13.64
CA ASP A 295 -32.20 23.68 -12.30
C ASP A 295 -31.89 22.53 -11.33
N ILE A 296 -31.68 22.89 -10.07
CA ILE A 296 -31.33 21.89 -9.05
C ILE A 296 -32.32 21.97 -7.87
N VAL A 297 -32.93 20.85 -7.56
CA VAL A 297 -33.91 20.73 -6.49
C VAL A 297 -33.45 19.66 -5.49
N SER A 298 -33.50 20.00 -4.20
CA SER A 298 -33.01 19.17 -3.10
C SER A 298 -34.09 19.01 -2.04
N ARG A 299 -34.26 17.79 -1.52
CA ARG A 299 -35.07 17.55 -0.33
C ARG A 299 -34.28 16.65 0.59
N GLY A 300 -34.28 16.98 1.88
CA GLY A 300 -33.47 16.25 2.82
C GLY A 300 -34.12 16.12 4.17
N ARG A 301 -33.47 15.36 5.03
CA ARG A 301 -33.93 15.06 6.38
C ARG A 301 -32.75 14.69 7.26
N THR A 302 -32.75 15.25 8.47
CA THR A 302 -31.84 14.84 9.52
C THR A 302 -32.59 13.92 10.49
N PHE A 303 -31.92 12.84 10.87
CA PHE A 303 -32.46 11.83 11.78
C PHE A 303 -31.84 12.01 13.14
N PRO A 304 -32.50 11.48 14.18
CA PRO A 304 -31.93 11.61 15.52
C PRO A 304 -30.86 10.54 15.78
N HIS A 305 -30.62 9.71 14.76
CA HIS A 305 -29.64 8.64 14.85
C HIS A 305 -28.93 8.49 13.51
N GLY A 306 -27.86 7.70 13.48
CA GLY A 306 -27.13 7.41 12.23
C GLY A 306 -27.99 6.60 11.28
N ILE A 307 -27.74 6.77 9.98
CA ILE A 307 -28.54 6.16 8.92
C ILE A 307 -27.76 4.96 8.39
N SER A 308 -28.36 3.78 8.49
CA SER A 308 -27.81 2.59 7.87
C SER A 308 -28.00 2.68 6.35
N LYS A 309 -27.25 1.91 5.60
CA LYS A 309 -27.38 2.00 4.14
C LYS A 309 -28.78 1.63 3.74
N GLU A 310 -29.37 0.66 4.42
CA GLU A 310 -30.72 0.23 4.10
C GLU A 310 -31.76 1.30 4.39
N THR A 311 -31.58 2.06 5.48
CA THR A 311 -32.52 3.12 5.77
C THR A 311 -32.35 4.28 4.77
N ALA A 312 -31.12 4.47 4.32
CA ALA A 312 -30.84 5.47 3.29
C ALA A 312 -31.65 5.15 2.02
N TYR A 313 -31.72 3.88 1.63
CA TYR A 313 -32.50 3.54 0.43
C TYR A 313 -33.96 3.93 0.61
N SER A 314 -34.54 3.54 1.74
CA SER A 314 -35.96 3.73 1.85
C SER A 314 -36.30 5.20 2.03
N GLU A 315 -35.51 5.92 2.81
CA GLU A 315 -35.78 7.34 3.02
CA GLU A 315 -35.77 7.34 3.02
C GLU A 315 -35.50 8.14 1.76
N SER A 316 -34.50 7.72 0.98
CA SER A 316 -34.18 8.44 -0.26
C SER A 316 -35.41 8.41 -1.19
N VAL A 317 -36.13 7.29 -1.20
CA VAL A 317 -37.28 7.22 -2.08
C VAL A 317 -38.35 8.18 -1.60
N LYS A 318 -38.54 8.28 -0.29
CA LYS A 318 -39.55 9.23 0.20
C LYS A 318 -39.18 10.64 -0.18
N LEU A 319 -37.89 10.99 -0.11
CA LEU A 319 -37.47 12.32 -0.51
C LEU A 319 -37.65 12.56 -2.02
N LEU A 320 -37.34 11.56 -2.82
CA LEU A 320 -37.53 11.64 -4.26
C LEU A 320 -39.04 11.85 -4.57
N GLN A 321 -39.89 11.11 -3.90
CA GLN A 321 -41.33 11.32 -4.07
C GLN A 321 -41.70 12.77 -3.74
N LYS A 322 -41.12 13.32 -2.68
CA LYS A 322 -41.38 14.71 -2.32
C LYS A 322 -40.97 15.67 -3.44
N ILE A 323 -39.79 15.46 -4.01
CA ILE A 323 -39.36 16.30 -5.13
C ILE A 323 -40.37 16.20 -6.29
N LEU A 324 -40.76 14.97 -6.62
CA LEU A 324 -41.68 14.76 -7.73
C LEU A 324 -43.04 15.42 -7.42
N GLU A 325 -43.41 15.41 -6.16
CA GLU A 325 -44.68 15.99 -5.73
C GLU A 325 -44.66 17.51 -5.86
N GLU A 326 -43.54 18.12 -5.51
CA GLU A 326 -43.48 19.57 -5.40
C GLU A 326 -42.84 20.26 -6.60
N ASP A 327 -42.35 19.47 -7.56
CA ASP A 327 -41.81 19.98 -8.81
C ASP A 327 -42.29 19.14 -10.00
N GLU A 328 -42.92 19.77 -10.99
CA GLU A 328 -43.54 19.03 -12.10
C GLU A 328 -42.52 18.66 -13.18
N ARG A 329 -41.38 19.33 -13.16
CA ARG A 329 -40.34 19.11 -14.17
C ARG A 329 -39.80 17.67 -14.21
N LYS A 330 -39.28 17.29 -15.37
CA LYS A 330 -38.68 15.97 -15.51
C LYS A 330 -37.27 16.06 -14.91
N ILE A 331 -36.77 14.94 -14.45
CA ILE A 331 -35.47 14.88 -13.80
C ILE A 331 -34.42 14.36 -14.79
N ARG A 332 -33.29 15.04 -14.87
CA ARG A 332 -32.17 14.62 -15.73
C ARG A 332 -31.08 13.88 -14.94
N ARG A 333 -30.65 14.47 -13.83
CA ARG A 333 -29.67 13.85 -12.92
C ARG A 333 -30.30 13.61 -11.54
N ILE A 334 -29.84 12.56 -10.88
CA ILE A 334 -30.35 12.23 -9.55
C ILE A 334 -29.21 11.77 -8.68
N GLY A 335 -29.21 12.19 -7.41
CA GLY A 335 -28.14 11.81 -6.52
C GLY A 335 -28.48 12.07 -5.08
N VAL A 336 -27.48 11.98 -4.25
CA VAL A 336 -27.69 12.02 -2.80
CA VAL A 336 -27.70 12.01 -2.81
C VAL A 336 -26.48 12.64 -2.16
N ARG A 337 -26.71 13.32 -1.05
CA ARG A 337 -25.65 13.87 -0.24
C ARG A 337 -25.85 13.48 1.22
N PHE A 338 -24.80 13.00 1.86
CA PHE A 338 -24.85 12.57 3.26
C PHE A 338 -23.98 13.49 4.09
N SER A 339 -24.44 13.83 5.29
CA SER A 339 -23.71 14.75 6.15
C SER A 339 -24.05 14.51 7.63
N LYS A 340 -23.50 15.35 8.51
CA LYS A 340 -23.74 15.26 9.96
C LYS A 340 -23.27 13.89 10.44
N PHE A 341 -21.98 13.63 10.28
CA PHE A 341 -21.40 12.33 10.59
C PHE A 341 -21.23 12.16 12.08
N ILE A 342 -21.44 10.94 12.55
CA ILE A 342 -21.34 10.69 13.98
C ILE A 342 -19.89 10.78 14.46
N MET D 1 -5.27 -32.35 -9.99
CA MET D 1 -3.92 -32.96 -10.00
C MET D 1 -3.77 -33.90 -8.79
N ILE D 2 -2.73 -34.73 -8.82
CA ILE D 2 -2.40 -35.56 -7.67
CA ILE D 2 -2.40 -35.56 -7.67
C ILE D 2 -1.01 -35.17 -7.18
N VAL D 3 -0.94 -34.71 -5.94
CA VAL D 3 0.32 -34.29 -5.35
C VAL D 3 0.81 -35.24 -4.26
N ILE D 4 2.10 -35.56 -4.27
CA ILE D 4 2.72 -36.26 -3.14
C ILE D 4 3.76 -35.33 -2.57
N PHE D 5 3.60 -34.98 -1.29
CA PHE D 5 4.56 -34.14 -0.57
C PHE D 5 5.38 -35.06 0.31
N VAL D 6 6.69 -34.81 0.38
CA VAL D 6 7.59 -35.63 1.17
C VAL D 6 8.42 -34.72 2.08
N ASP D 7 8.49 -35.07 3.35
CA ASP D 7 9.19 -34.26 4.35
C ASP D 7 10.01 -35.24 5.22
N PHE D 8 11.35 -35.10 5.22
CA PHE D 8 12.16 -36.14 5.83
C PHE D 8 12.05 -36.01 7.37
N ASP D 9 11.95 -37.11 8.10
CA ASP D 9 11.78 -37.00 9.57
C ASP D 9 13.06 -36.55 10.29
N TYR D 10 12.93 -35.62 11.25
CA TYR D 10 14.03 -35.09 12.09
C TYR D 10 15.37 -35.10 11.37
N PHE D 11 15.37 -34.45 10.21
CA PHE D 11 16.34 -34.80 9.17
C PHE D 11 17.81 -34.86 9.58
N PHE D 12 18.41 -33.76 10.04
CA PHE D 12 19.83 -33.78 10.30
C PHE D 12 20.18 -34.81 11.37
N ALA D 13 19.37 -34.92 12.43
CA ALA D 13 19.66 -35.87 13.49
C ALA D 13 19.53 -37.30 12.96
N GLN D 14 18.54 -37.53 12.11
CA GLN D 14 18.36 -38.86 11.57
C GLN D 14 19.54 -39.27 10.71
N VAL D 15 20.03 -38.36 9.87
CA VAL D 15 21.25 -38.65 9.12
C VAL D 15 22.38 -38.99 10.09
N GLU D 16 22.52 -38.24 11.17
CA GLU D 16 23.59 -38.56 12.12
C GLU D 16 23.40 -39.95 12.72
N GLU D 17 22.13 -40.35 12.94
CA GLU D 17 21.84 -41.70 13.42
C GLU D 17 22.21 -42.77 12.39
N VAL D 18 21.98 -42.49 11.12
CA VAL D 18 22.36 -43.43 10.09
C VAL D 18 23.88 -43.64 10.09
N LEU D 19 24.65 -42.55 10.25
CA LEU D 19 26.12 -42.63 10.25
C LEU D 19 26.65 -43.14 11.59
N ASN D 20 25.83 -43.05 12.64
CA ASN D 20 26.21 -43.47 14.01
C ASN D 20 25.00 -44.10 14.70
N PRO D 21 24.67 -45.35 14.36
CA PRO D 21 23.42 -45.97 14.81
C PRO D 21 23.35 -46.15 16.32
N GLN D 22 24.49 -46.09 16.99
CA GLN D 22 24.53 -46.08 18.46
C GLN D 22 23.70 -44.92 19.07
N TYR D 23 23.47 -43.87 18.28
CA TYR D 23 22.72 -42.70 18.75
C TYR D 23 21.23 -42.95 18.73
N LYS D 24 20.81 -43.92 17.92
CA LYS D 24 19.38 -44.10 17.70
C LYS D 24 18.66 -44.51 18.98
N GLY D 25 17.45 -43.99 19.20
CA GLY D 25 16.65 -44.30 20.37
C GLY D 25 17.07 -43.65 21.68
N LYS D 26 18.08 -42.78 21.63
CA LYS D 26 18.45 -41.96 22.80
C LYS D 26 18.46 -40.48 22.35
N PRO D 27 18.29 -39.54 23.29
CA PRO D 27 18.30 -38.12 22.87
C PRO D 27 19.60 -37.76 22.16
N LEU D 28 19.40 -37.16 20.99
CA LEU D 28 20.47 -36.66 20.13
C LEU D 28 20.13 -35.24 19.69
N VAL D 29 21.08 -34.32 19.81
CA VAL D 29 20.85 -32.92 19.46
C VAL D 29 21.94 -32.45 18.48
N VAL D 30 21.52 -32.00 17.31
CA VAL D 30 22.46 -31.49 16.29
C VAL D 30 22.56 -29.96 16.46
N CYS D 31 23.78 -29.53 16.71
CA CYS D 31 24.06 -28.20 17.20
C CYS D 31 24.88 -27.41 16.19
N VAL D 32 24.62 -26.12 16.20
CA VAL D 32 25.39 -25.16 15.39
C VAL D 32 26.27 -24.34 16.32
N TYR D 33 27.52 -24.76 16.44
CA TYR D 33 28.46 -24.14 17.35
C TYR D 33 29.08 -22.93 16.68
N SER D 34 28.95 -21.77 17.31
CA SER D 34 29.41 -20.52 16.68
C SER D 34 30.90 -20.30 16.91
N GLY D 35 31.45 -20.95 17.93
CA GLY D 35 32.88 -20.91 18.17
C GLY D 35 33.33 -19.81 19.12
N ARG D 36 32.40 -18.94 19.49
CA ARG D 36 32.73 -17.91 20.46
C ARG D 36 33.10 -18.50 21.82
N THR D 37 32.33 -19.49 22.29
CA THR D 37 32.69 -20.25 23.48
C THR D 37 32.63 -21.72 23.10
N LYS D 38 32.89 -22.61 24.05
CA LYS D 38 32.82 -24.03 23.77
C LYS D 38 31.37 -24.50 23.49
N THR D 39 30.41 -23.76 24.02
CA THR D 39 29.01 -24.17 23.95
C THR D 39 28.10 -23.14 23.33
N SER D 40 28.64 -22.00 22.88
CA SER D 40 27.78 -21.00 22.27
C SER D 40 27.27 -21.54 20.94
N GLY D 41 25.98 -21.35 20.67
CA GLY D 41 25.36 -21.76 19.41
C GLY D 41 23.88 -22.03 19.55
N ALA D 42 23.28 -22.55 18.48
CA ALA D 42 21.86 -22.86 18.50
C ALA D 42 21.60 -24.28 18.04
N VAL D 43 20.46 -24.86 18.42
CA VAL D 43 20.12 -26.20 18.00
C VAL D 43 19.54 -26.17 16.60
N ALA D 44 20.08 -27.02 15.72
CA ALA D 44 19.53 -27.14 14.36
C ALA D 44 18.33 -28.10 14.38
N THR D 45 18.51 -29.25 15.03
CA THR D 45 17.37 -30.12 15.25
C THR D 45 17.67 -31.16 16.30
N ALA D 46 16.63 -31.79 16.83
CA ALA D 46 16.84 -32.85 17.81
C ALA D 46 15.99 -34.03 17.38
N ASN D 47 16.41 -35.22 17.75
CA ASN D 47 15.57 -36.34 17.50
C ASN D 47 14.37 -36.32 18.47
N TYR D 48 13.44 -37.21 18.22
CA TYR D 48 12.18 -37.16 18.95
C TYR D 48 12.42 -37.45 20.44
N GLU D 49 13.38 -38.32 20.76
CA GLU D 49 13.73 -38.59 22.14
C GLU D 49 14.19 -37.34 22.88
N ALA D 50 14.96 -36.50 22.20
CA ALA D 50 15.38 -35.23 22.78
C ALA D 50 14.24 -34.23 22.86
N ARG D 51 13.34 -34.24 21.86
CA ARG D 51 12.23 -33.33 21.88
C ARG D 51 11.31 -33.63 23.09
N LYS D 52 11.23 -34.89 23.48
CA LYS D 52 10.42 -35.27 24.64
C LYS D 52 10.89 -34.60 25.92
N LEU D 53 12.16 -34.17 25.94
CA LEU D 53 12.74 -33.49 27.10
C LEU D 53 12.68 -31.96 26.97
N GLY D 54 12.13 -31.47 25.87
CA GLY D 54 11.92 -30.05 25.71
C GLY D 54 12.90 -29.37 24.74
N VAL D 55 13.80 -30.14 24.14
CA VAL D 55 14.75 -29.53 23.18
C VAL D 55 14.01 -29.20 21.89
N LYS D 56 14.22 -27.97 21.40
CA LYS D 56 13.55 -27.47 20.19
C LYS D 56 14.57 -26.83 19.23
N ALA D 57 14.32 -26.94 17.93
CA ALA D 57 15.18 -26.29 16.92
C ALA D 57 15.19 -24.82 17.23
N GLY D 58 16.35 -24.18 17.09
CA GLY D 58 16.49 -22.75 17.26
C GLY D 58 16.90 -22.38 18.68
N MET D 59 16.74 -23.30 19.62
CA MET D 59 17.03 -22.94 21.00
C MET D 59 18.52 -22.90 21.22
N PRO D 60 18.97 -21.99 22.09
CA PRO D 60 20.36 -21.93 22.48
C PRO D 60 20.92 -23.27 22.97
N ILE D 61 22.12 -23.64 22.53
CA ILE D 61 22.75 -24.90 22.94
C ILE D 61 22.79 -25.02 24.47
N ILE D 62 23.14 -23.93 25.12
CA ILE D 62 23.34 -23.96 26.57
C ILE D 62 22.02 -24.27 27.29
N LYS D 63 20.93 -23.74 26.76
CA LYS D 63 19.60 -24.01 27.30
C LYS D 63 19.15 -25.42 27.04
N ALA D 64 19.51 -25.98 25.90
CA ALA D 64 19.20 -27.38 25.65
C ALA D 64 19.95 -28.19 26.70
N MET D 65 21.24 -27.89 26.87
CA MET D 65 22.08 -28.66 27.79
C MET D 65 21.51 -28.56 29.22
N GLN D 66 20.86 -27.44 29.53
CA GLN D 66 20.27 -27.28 30.89
C GLN D 66 19.11 -28.25 31.12
N ILE D 67 18.32 -28.52 30.09
CA ILE D 67 17.14 -29.37 30.27
C ILE D 67 17.34 -30.82 29.85
N ALA D 68 18.40 -31.09 29.10
CA ALA D 68 18.68 -32.45 28.66
C ALA D 68 20.17 -32.66 28.68
N PRO D 69 20.77 -32.55 29.88
CA PRO D 69 22.22 -32.63 30.01
C PRO D 69 22.80 -33.94 29.57
N SER D 70 22.00 -35.01 29.54
CA SER D 70 22.53 -36.33 29.18
C SER D 70 22.32 -36.68 27.70
N ALA D 71 21.72 -35.77 26.95
CA ALA D 71 21.63 -35.96 25.51
C ALA D 71 23.03 -36.00 24.87
N ILE D 72 23.12 -36.59 23.69
CA ILE D 72 24.35 -36.52 22.91
C ILE D 72 24.25 -35.26 22.05
N TYR D 73 25.28 -34.44 22.14
CA TYR D 73 25.35 -33.16 21.43
C TYR D 73 26.41 -33.31 20.37
N VAL D 74 26.02 -33.15 19.11
CA VAL D 74 26.98 -33.25 17.98
C VAL D 74 26.91 -32.03 17.06
N PRO D 75 28.04 -31.70 16.42
CA PRO D 75 28.10 -30.54 15.53
C PRO D 75 27.41 -30.79 14.19
N MET D 76 26.84 -29.72 13.64
CA MET D 76 26.17 -29.78 12.34
C MET D 76 27.22 -30.16 11.29
N ARG D 77 26.90 -31.14 10.45
CA ARG D 77 27.77 -31.47 9.30
C ARG D 77 26.95 -31.29 8.01
N LYS D 78 26.63 -30.04 7.70
CA LYS D 78 25.66 -29.74 6.66
C LYS D 78 25.99 -30.37 5.30
N PRO D 79 27.28 -30.48 4.94
CA PRO D 79 27.52 -31.07 3.62
C PRO D 79 27.06 -32.51 3.51
N ILE D 80 27.15 -33.27 4.58
CA ILE D 80 26.70 -34.64 4.54
C ILE D 80 25.17 -34.66 4.37
N TYR D 81 24.47 -33.79 5.09
CA TYR D 81 23.00 -33.74 5.00
C TYR D 81 22.56 -33.35 3.56
N GLU D 82 23.32 -32.44 2.96
CA GLU D 82 23.04 -32.01 1.59
C GLU D 82 23.20 -33.16 0.62
N ALA D 83 24.18 -34.04 0.90
CA ALA D 83 24.45 -35.18 0.03
C ALA D 83 23.31 -36.17 0.13
N PHE D 84 22.89 -36.44 1.36
CA PHE D 84 21.74 -37.30 1.56
C PHE D 84 20.55 -36.71 0.85
N SER D 85 20.34 -35.41 1.04
CA SER D 85 19.19 -34.77 0.45
C SER D 85 19.25 -34.93 -1.05
N ASN D 86 20.39 -34.61 -1.63
CA ASN D 86 20.53 -34.70 -3.08
C ASN D 86 20.21 -36.10 -3.60
N ARG D 87 20.65 -37.14 -2.91
CA ARG D 87 20.38 -38.49 -3.40
C ARG D 87 18.90 -38.81 -3.30
N ILE D 88 18.29 -38.39 -2.21
CA ILE D 88 16.87 -38.62 -2.05
C ILE D 88 16.02 -37.88 -3.09
N MET D 89 16.27 -36.59 -3.31
CA MET D 89 15.52 -35.84 -4.32
C MET D 89 15.68 -36.51 -5.69
N ASN D 90 16.87 -37.03 -5.98
CA ASN D 90 17.05 -37.78 -7.22
C ASN D 90 16.21 -39.05 -7.29
N LEU D 91 16.03 -39.76 -6.18
CA LEU D 91 15.13 -40.90 -6.21
C LEU D 91 13.69 -40.43 -6.46
N LEU D 92 13.28 -39.38 -5.75
CA LEU D 92 11.92 -38.83 -5.91
C LEU D 92 11.65 -38.42 -7.36
N ASN D 93 12.63 -37.76 -7.98
CA ASN D 93 12.44 -37.17 -9.30
C ASN D 93 11.95 -38.17 -10.33
N LYS D 94 12.34 -39.41 -10.10
CA LYS D 94 12.07 -40.52 -10.99
CA LYS D 94 12.02 -40.54 -10.99
C LYS D 94 10.58 -40.94 -10.96
N HIS D 95 9.89 -40.64 -9.86
CA HIS D 95 8.50 -41.02 -9.69
C HIS D 95 7.55 -39.88 -10.01
N ALA D 96 8.11 -38.74 -10.40
CA ALA D 96 7.29 -37.54 -10.62
C ALA D 96 7.25 -37.13 -12.08
N ASP D 97 6.06 -36.74 -12.52
CA ASP D 97 5.94 -36.00 -13.76
C ASP D 97 6.75 -34.72 -13.62
N LYS D 98 6.68 -34.09 -12.45
CA LYS D 98 7.41 -32.87 -12.18
C LYS D 98 7.67 -32.78 -10.68
N ILE D 99 8.78 -32.18 -10.30
CA ILE D 99 9.14 -32.11 -8.89
C ILE D 99 9.54 -30.72 -8.49
N GLU D 100 9.08 -30.33 -7.31
CA GLU D 100 9.45 -29.07 -6.71
C GLU D 100 10.21 -29.31 -5.40
N VAL D 101 11.52 -29.11 -5.44
CA VAL D 101 12.34 -29.27 -4.24
C VAL D 101 12.25 -27.99 -3.46
N ALA D 102 11.56 -28.05 -2.32
CA ALA D 102 11.20 -26.84 -1.61
C ALA D 102 12.23 -26.47 -0.57
N SER D 103 12.98 -27.43 -0.09
CA SER D 103 14.01 -27.17 0.92
C SER D 103 14.94 -28.37 0.94
N ILE D 104 15.93 -28.33 1.83
CA ILE D 104 16.87 -29.44 1.95
C ILE D 104 16.15 -30.74 2.33
N ASP D 105 14.98 -30.62 2.92
CA ASP D 105 14.34 -31.87 3.33
C ASP D 105 12.91 -32.04 2.93
N GLU D 106 12.44 -31.27 1.94
CA GLU D 106 11.07 -31.50 1.48
C GLU D 106 10.85 -31.20 0.01
N ALA D 107 9.92 -31.96 -0.60
CA ALA D 107 9.63 -31.80 -2.00
C ALA D 107 8.17 -32.13 -2.31
N TYR D 108 7.67 -31.46 -3.35
CA TYR D 108 6.36 -31.73 -3.92
C TYR D 108 6.52 -32.43 -5.26
N LEU D 109 5.81 -33.52 -5.43
CA LEU D 109 5.79 -34.24 -6.68
C LEU D 109 4.41 -34.17 -7.31
N ASP D 110 4.36 -33.86 -8.60
CA ASP D 110 3.11 -34.01 -9.33
C ASP D 110 3.17 -35.34 -10.06
N VAL D 111 2.31 -36.26 -9.66
CA VAL D 111 2.31 -37.62 -10.18
C VAL D 111 0.99 -37.94 -10.89
N THR D 112 0.29 -36.88 -11.26
CA THR D 112 -0.98 -36.97 -11.96
C THR D 112 -0.87 -37.96 -13.13
N ASN D 113 -0.06 -37.61 -14.11
CA ASN D 113 0.07 -38.46 -15.31
C ASN D 113 0.71 -39.79 -15.00
N LYS D 114 1.70 -39.78 -14.10
CA LYS D 114 2.39 -41.01 -13.71
C LYS D 114 1.39 -42.08 -13.26
N VAL D 115 0.33 -41.70 -12.56
CA VAL D 115 -0.63 -42.68 -12.08
C VAL D 115 -1.94 -42.67 -12.87
N GLU D 116 -1.94 -42.06 -14.05
CA GLU D 116 -3.14 -42.03 -14.88
C GLU D 116 -4.29 -41.38 -14.13
N GLY D 117 -3.99 -40.25 -13.49
CA GLY D 117 -4.97 -39.49 -12.74
C GLY D 117 -5.80 -40.31 -11.78
N ASN D 118 -5.32 -41.49 -11.41
CA ASN D 118 -6.09 -42.27 -10.46
C ASN D 118 -5.49 -42.22 -9.05
N PHE D 119 -6.30 -41.72 -8.14
CA PHE D 119 -5.84 -41.25 -6.85
C PHE D 119 -5.34 -42.38 -5.94
N GLU D 120 -6.01 -43.52 -5.97
CA GLU D 120 -5.59 -44.66 -5.14
C GLU D 120 -4.22 -45.19 -5.59
N ASN D 121 -3.94 -45.17 -6.89
CA ASN D 121 -2.61 -45.57 -7.34
C ASN D 121 -1.58 -44.52 -6.93
N GLY D 122 -2.03 -43.29 -6.77
CA GLY D 122 -1.19 -42.25 -6.20
C GLY D 122 -0.78 -42.61 -4.78
N ILE D 123 -1.73 -43.17 -4.04
CA ILE D 123 -1.46 -43.59 -2.67
C ILE D 123 -0.46 -44.73 -2.65
N GLU D 124 -0.64 -45.70 -3.54
CA GLU D 124 0.28 -46.84 -3.60
C GLU D 124 1.67 -46.35 -4.01
N LEU D 125 1.72 -45.35 -4.89
CA LEU D 125 3.01 -44.80 -5.31
C LEU D 125 3.73 -44.21 -4.08
N ALA D 126 2.97 -43.52 -3.25
CA ALA D 126 3.47 -42.92 -2.03
C ALA D 126 4.11 -43.99 -1.11
N ARG D 127 3.41 -45.10 -0.93
CA ARG D 127 3.95 -46.22 -0.18
C ARG D 127 5.25 -46.74 -0.79
N LYS D 128 5.31 -46.86 -2.10
CA LYS D 128 6.54 -47.36 -2.73
C LYS D 128 7.66 -46.34 -2.56
N ILE D 129 7.33 -45.07 -2.54
CA ILE D 129 8.35 -44.05 -2.38
C ILE D 129 8.99 -44.14 -1.00
N LYS D 130 8.14 -44.26 0.03
CA LYS D 130 8.60 -44.41 1.42
C LYS D 130 9.47 -45.63 1.56
N GLN D 131 9.04 -46.73 0.96
CA GLN D 131 9.80 -47.96 1.08
C GLN D 131 11.16 -47.87 0.40
N GLU D 132 11.21 -47.25 -0.77
CA GLU D 132 12.46 -47.14 -1.49
C GLU D 132 13.49 -46.27 -0.75
N ILE D 133 13.03 -45.15 -0.19
CA ILE D 133 13.93 -44.26 0.53
C ILE D 133 14.47 -44.97 1.76
N LEU D 134 13.64 -45.75 2.42
CA LEU D 134 14.06 -46.52 3.58
C LEU D 134 15.07 -47.60 3.21
N GLU D 135 14.78 -48.34 2.15
CA GLU D 135 15.68 -49.38 1.68
C GLU D 135 17.03 -48.82 1.29
N LYS D 136 17.00 -47.78 0.46
CA LYS D 136 18.22 -47.27 -0.12
C LYS D 136 19.04 -46.38 0.79
N GLU D 137 18.40 -45.54 1.61
CA GLU D 137 19.15 -44.59 2.44
C GLU D 137 18.97 -44.80 3.95
N LYS D 138 18.07 -45.68 4.34
CA LYS D 138 17.81 -45.93 5.76
C LYS D 138 17.21 -44.69 6.43
N ILE D 139 16.51 -43.89 5.63
CA ILE D 139 15.84 -42.68 6.11
C ILE D 139 14.31 -42.83 6.08
N THR D 140 13.66 -42.52 7.20
CA THR D 140 12.20 -42.50 7.27
C THR D 140 11.71 -41.10 6.95
N VAL D 141 10.57 -41.03 6.26
CA VAL D 141 10.00 -39.78 5.83
C VAL D 141 8.51 -39.83 6.12
N THR D 142 7.91 -38.64 6.11
CA THR D 142 6.47 -38.49 6.18
C THR D 142 5.98 -37.97 4.87
N VAL D 143 4.93 -38.60 4.38
CA VAL D 143 4.38 -38.28 3.10
C VAL D 143 2.94 -37.83 3.26
N GLY D 144 2.50 -36.96 2.36
CA GLY D 144 1.11 -36.55 2.28
C GLY D 144 0.66 -36.61 0.84
N VAL D 145 -0.54 -37.17 0.61
CA VAL D 145 -1.08 -37.30 -0.73
C VAL D 145 -2.39 -36.53 -0.80
N ALA D 146 -2.52 -35.60 -1.76
CA ALA D 146 -3.71 -34.75 -1.82
C ALA D 146 -3.83 -34.11 -3.19
N PRO D 147 -4.97 -33.43 -3.44
CA PRO D 147 -5.22 -32.80 -4.74
C PRO D 147 -4.40 -31.54 -5.02
N ASN D 148 -3.83 -30.91 -3.99
CA ASN D 148 -2.94 -29.77 -4.19
C ASN D 148 -1.81 -29.76 -3.17
N LYS D 149 -0.85 -28.87 -3.40
CA LYS D 149 0.33 -28.75 -2.53
C LYS D 149 0.03 -28.45 -1.08
N ILE D 150 -0.80 -27.45 -0.80
CA ILE D 150 -1.00 -27.07 0.60
C ILE D 150 -1.66 -28.18 1.40
N LEU D 151 -2.63 -28.87 0.81
CA LEU D 151 -3.30 -29.93 1.55
C LEU D 151 -2.34 -31.09 1.74
N ALA D 152 -1.50 -31.35 0.73
CA ALA D 152 -0.51 -32.43 0.86
C ALA D 152 0.41 -32.14 2.05
N LYS D 153 0.85 -30.88 2.18
CA LYS D 153 1.71 -30.50 3.30
C LYS D 153 0.99 -30.60 4.62
N ILE D 154 -0.23 -30.07 4.70
CA ILE D 154 -0.94 -30.10 5.98
C ILE D 154 -1.20 -31.53 6.44
N ILE D 155 -1.62 -32.40 5.53
CA ILE D 155 -1.87 -33.79 5.93
C ILE D 155 -0.58 -34.53 6.34
N ALA D 156 0.52 -34.29 5.63
CA ALA D 156 1.82 -34.82 6.07
C ALA D 156 2.14 -34.36 7.49
N ASP D 157 2.05 -33.05 7.71
CA ASP D 157 2.35 -32.48 9.01
C ASP D 157 1.54 -33.19 10.10
N LYS D 158 0.30 -33.52 9.79
CA LYS D 158 -0.57 -34.15 10.77
C LYS D 158 -0.23 -35.62 11.00
N SER D 159 0.65 -36.19 10.17
CA SER D 159 0.94 -37.60 10.21
C SER D 159 2.36 -37.90 10.67
N LYS D 160 3.12 -36.89 11.07
CA LYS D 160 4.51 -37.13 11.51
C LYS D 160 4.48 -37.89 12.82
N PRO D 161 5.47 -38.75 13.05
CA PRO D 161 6.62 -39.07 12.19
C PRO D 161 6.37 -40.33 11.37
N ASN D 162 7.13 -40.52 10.30
CA ASN D 162 7.03 -41.71 9.48
C ASN D 162 5.60 -41.97 9.00
N GLY D 163 4.92 -40.93 8.56
CA GLY D 163 3.51 -41.06 8.24
C GLY D 163 3.22 -41.15 6.76
N LEU D 164 1.96 -41.43 6.47
CA LEU D 164 1.44 -41.42 5.14
C LEU D 164 0.04 -40.87 5.25
N GLY D 165 -0.08 -39.56 5.10
CA GLY D 165 -1.35 -38.85 5.22
C GLY D 165 -2.04 -38.76 3.90
N VAL D 166 -3.37 -38.86 3.89
CA VAL D 166 -4.13 -38.82 2.65
C VAL D 166 -5.38 -37.96 2.81
N ILE D 167 -5.64 -37.10 1.81
CA ILE D 167 -6.90 -36.38 1.72
C ILE D 167 -7.42 -36.56 0.29
N ARG D 168 -8.52 -37.30 0.16
CA ARG D 168 -9.08 -37.59 -1.15
C ARG D 168 -9.87 -36.41 -1.65
N PRO D 169 -10.03 -36.32 -2.97
CA PRO D 169 -10.79 -35.20 -3.51
C PRO D 169 -12.12 -35.02 -2.81
N THR D 170 -12.77 -36.14 -2.44
CA THR D 170 -14.11 -36.08 -1.88
C THR D 170 -14.11 -35.62 -0.45
N GLU D 171 -12.94 -35.66 0.19
CA GLU D 171 -12.79 -35.29 1.59
C GLU D 171 -12.37 -33.82 1.77
N VAL D 172 -11.98 -33.16 0.69
CA VAL D 172 -11.41 -31.83 0.80
C VAL D 172 -12.35 -30.83 1.48
N GLN D 173 -13.62 -30.80 1.07
CA GLN D 173 -14.55 -29.81 1.63
C GLN D 173 -14.69 -29.95 3.14
N ASP D 174 -15.00 -31.15 3.62
CA ASP D 174 -15.10 -31.38 5.05
C ASP D 174 -13.77 -31.08 5.77
N PHE D 175 -12.66 -31.49 5.16
CA PHE D 175 -11.37 -31.23 5.77
C PHE D 175 -11.10 -29.73 5.96
N LEU D 176 -11.37 -28.94 4.93
CA LEU D 176 -11.13 -27.49 5.00
C LEU D 176 -12.11 -26.86 5.99
N ASN D 177 -13.28 -27.46 6.09
CA ASN D 177 -14.31 -26.96 6.98
C ASN D 177 -13.93 -27.14 8.44
N GLU D 178 -13.04 -28.07 8.74
CA GLU D 178 -12.69 -28.33 10.13
C GLU D 178 -11.28 -27.88 10.47
N LEU D 179 -10.52 -27.46 9.47
CA LEU D 179 -9.12 -27.12 9.70
C LEU D 179 -8.95 -25.95 10.66
N ASP D 180 -8.09 -26.13 11.66
CA ASP D 180 -7.71 -25.06 12.60
C ASP D 180 -6.76 -24.04 11.99
N ILE D 181 -6.94 -22.80 12.39
CA ILE D 181 -6.12 -21.72 11.89
C ILE D 181 -4.64 -21.97 12.20
N ASP D 182 -4.39 -22.57 13.35
CA ASP D 182 -3.03 -22.83 13.81
C ASP D 182 -2.31 -23.78 12.86
N GLU D 183 -3.07 -24.60 12.14
CA GLU D 183 -2.49 -25.69 11.38
C GLU D 183 -2.19 -25.33 9.94
N ILE D 184 -2.29 -24.05 9.61
CA ILE D 184 -2.13 -23.62 8.23
C ILE D 184 -0.71 -23.20 8.00
N PRO D 185 -0.05 -23.82 7.03
CA PRO D 185 1.30 -23.43 6.67
C PRO D 185 1.40 -21.95 6.36
N GLY D 186 2.40 -21.29 6.92
CA GLY D 186 2.64 -19.91 6.60
C GLY D 186 1.94 -18.98 7.56
N ILE D 187 1.21 -19.53 8.53
CA ILE D 187 0.62 -18.70 9.57
C ILE D 187 1.34 -18.97 10.88
N GLY D 188 2.27 -18.07 11.20
CA GLY D 188 3.08 -18.24 12.39
C GLY D 188 2.27 -18.09 13.67
N SER D 189 2.87 -18.52 14.78
CA SER D 189 2.23 -18.50 16.11
C SER D 189 1.61 -17.15 16.46
N VAL D 190 2.29 -16.07 16.11
CA VAL D 190 1.86 -14.73 16.48
C VAL D 190 0.57 -14.38 15.77
N LEU D 191 0.65 -14.36 14.45
CA LEU D 191 -0.49 -14.03 13.61
C LEU D 191 -1.66 -14.93 13.97
N ALA D 192 -1.39 -16.19 14.22
CA ALA D 192 -2.44 -17.14 14.56
C ALA D 192 -3.19 -16.63 15.77
N ARG D 193 -2.45 -16.19 16.78
CA ARG D 193 -3.08 -15.77 18.03
C ARG D 193 -3.86 -14.47 17.82
N ARG D 194 -3.27 -13.53 17.09
CA ARG D 194 -3.98 -12.33 16.66
C ARG D 194 -5.33 -12.66 15.99
N LEU D 195 -5.32 -13.47 14.93
CA LEU D 195 -6.56 -13.91 14.29
C LEU D 195 -7.51 -14.54 15.30
N ASN D 196 -6.95 -15.39 16.15
CA ASN D 196 -7.70 -16.16 17.13
C ASN D 196 -8.38 -15.29 18.19
N GLU D 197 -7.79 -14.14 18.46
CA GLU D 197 -8.37 -13.21 19.42
C GLU D 197 -9.45 -12.37 18.73
N LEU D 198 -9.38 -12.30 17.40
CA LEU D 198 -10.42 -11.66 16.62
C LEU D 198 -11.54 -12.66 16.27
N GLY D 199 -11.50 -13.83 16.89
CA GLY D 199 -12.55 -14.82 16.74
C GLY D 199 -12.38 -15.71 15.51
N ILE D 200 -11.20 -15.66 14.91
CA ILE D 200 -10.87 -16.50 13.76
C ILE D 200 -10.04 -17.69 14.25
N GLN D 201 -10.72 -18.79 14.52
CA GLN D 201 -10.11 -19.98 15.10
C GLN D 201 -10.00 -21.15 14.12
N LYS D 202 -10.88 -21.17 13.12
CA LYS D 202 -10.84 -22.19 12.09
C LYS D 202 -10.74 -21.52 10.75
N LEU D 203 -10.19 -22.23 9.77
CA LEU D 203 -10.02 -21.67 8.43
C LEU D 203 -11.34 -21.10 7.90
N ARG D 204 -12.41 -21.86 8.07
CA ARG D 204 -13.73 -21.43 7.58
C ARG D 204 -14.14 -20.06 8.14
N ASP D 205 -13.62 -19.70 9.30
CA ASP D 205 -13.94 -18.41 9.91
C ASP D 205 -13.44 -17.23 9.07
N ILE D 206 -12.50 -17.50 8.16
CA ILE D 206 -11.95 -16.49 7.28
C ILE D 206 -13.03 -15.95 6.36
N LEU D 207 -13.96 -16.80 5.99
CA LEU D 207 -14.98 -16.37 5.03
C LEU D 207 -15.92 -15.31 5.59
N SER D 208 -15.88 -15.10 6.91
CA SER D 208 -16.74 -14.12 7.56
C SER D 208 -16.16 -12.72 7.39
N LYS D 209 -14.91 -12.65 6.96
CA LYS D 209 -14.25 -11.38 6.72
C LYS D 209 -14.07 -11.13 5.22
N ASN D 210 -13.94 -9.87 4.82
CA ASN D 210 -13.57 -9.54 3.45
C ASN D 210 -12.07 -9.20 3.38
N TYR D 211 -11.54 -9.12 2.16
CA TYR D 211 -10.12 -8.85 2.00
C TYR D 211 -9.69 -7.61 2.80
N ASN D 212 -10.28 -6.47 2.46
CA ASN D 212 -9.91 -5.21 3.08
C ASN D 212 -9.85 -5.30 4.60
N GLU D 213 -10.80 -6.00 5.19
CA GLU D 213 -10.81 -6.20 6.64
C GLU D 213 -9.63 -7.06 7.01
N LEU D 214 -9.50 -8.20 6.33
CA LEU D 214 -8.47 -9.18 6.66
C LEU D 214 -7.07 -8.59 6.47
N GLU D 215 -6.88 -7.85 5.38
CA GLU D 215 -5.58 -7.27 5.04
C GLU D 215 -5.05 -6.48 6.23
N LYS D 216 -5.92 -5.71 6.85
CA LYS D 216 -5.49 -4.89 7.98
C LYS D 216 -4.92 -5.77 9.10
N ILE D 217 -5.34 -7.03 9.15
CA ILE D 217 -4.90 -7.95 10.20
C ILE D 217 -3.71 -8.81 9.77
N THR D 218 -3.66 -9.18 8.49
CA THR D 218 -2.67 -10.18 8.03
C THR D 218 -1.62 -9.67 7.05
N GLY D 219 -1.83 -8.49 6.49
CA GLY D 219 -1.01 -8.07 5.37
C GLY D 219 -1.59 -8.71 4.13
N LYS D 220 -1.27 -8.14 2.96
CA LYS D 220 -1.88 -8.49 1.68
C LYS D 220 -1.69 -9.94 1.26
N ALA D 221 -0.44 -10.36 1.20
CA ALA D 221 -0.10 -11.71 0.74
C ALA D 221 -0.86 -12.76 1.53
N LYS D 222 -0.79 -12.66 2.86
CA LYS D 222 -1.44 -13.62 3.74
C LYS D 222 -2.98 -13.57 3.61
N ALA D 223 -3.53 -12.39 3.40
CA ALA D 223 -4.99 -12.26 3.18
C ALA D 223 -5.46 -13.00 1.92
N LEU D 224 -4.75 -12.80 0.81
CA LEU D 224 -5.15 -13.41 -0.43
C LEU D 224 -5.06 -14.91 -0.32
N TYR D 225 -3.98 -15.35 0.33
CA TYR D 225 -3.71 -16.79 0.51
C TYR D 225 -4.81 -17.47 1.35
N LEU D 226 -5.12 -16.89 2.50
CA LEU D 226 -6.12 -17.45 3.41
C LEU D 226 -7.52 -17.48 2.77
N LEU D 227 -7.86 -16.42 2.07
CA LEU D 227 -9.20 -16.35 1.44
C LEU D 227 -9.31 -17.39 0.33
N LYS D 228 -8.24 -17.58 -0.43
CA LYS D 228 -8.22 -18.60 -1.46
C LYS D 228 -8.32 -20.02 -0.86
N LEU D 229 -7.54 -20.27 0.19
CA LEU D 229 -7.45 -21.61 0.75
C LEU D 229 -8.80 -21.96 1.34
N ALA D 230 -9.41 -20.97 1.98
CA ALA D 230 -10.69 -21.19 2.64
C ALA D 230 -11.74 -21.66 1.64
N GLN D 231 -11.59 -21.24 0.39
CA GLN D 231 -12.57 -21.53 -0.64
C GLN D 231 -12.14 -22.75 -1.47
N ASP D 232 -11.10 -23.44 -1.04
CA ASP D 232 -10.50 -24.49 -1.84
C ASP D 232 -10.25 -23.96 -3.23
N GLU D 233 -9.68 -22.76 -3.31
CA GLU D 233 -9.29 -22.21 -4.59
C GLU D 233 -7.79 -22.07 -4.68
N TYR D 234 -7.09 -22.77 -3.79
CA TYR D 234 -5.67 -22.85 -3.87
C TYR D 234 -5.38 -24.00 -4.82
N ASN D 235 -4.52 -23.76 -5.80
CA ASN D 235 -4.19 -24.81 -6.74
C ASN D 235 -2.85 -24.52 -7.43
N GLU D 236 -1.93 -23.87 -6.71
CA GLU D 236 -0.64 -23.48 -7.27
C GLU D 236 0.13 -24.65 -7.87
N PRO D 237 0.79 -24.41 -9.00
CA PRO D 237 1.50 -25.47 -9.72
C PRO D 237 2.80 -25.88 -9.04
N ILE D 238 3.22 -27.08 -9.35
CA ILE D 238 4.53 -27.57 -8.93
C ILE D 238 5.56 -26.91 -9.83
N ARG D 239 6.48 -26.16 -9.24
CA ARG D 239 7.48 -25.52 -10.07
C ARG D 239 8.92 -25.76 -9.64
N THR D 240 9.78 -25.90 -10.63
CA THR D 240 11.21 -26.09 -10.42
C THR D 240 11.71 -24.86 -9.69
N ARG D 241 12.33 -25.06 -8.53
CA ARG D 241 12.83 -23.92 -7.79
C ARG D 241 14.25 -23.61 -8.24
N VAL D 242 14.51 -22.32 -8.31
CA VAL D 242 15.80 -21.77 -8.76
C VAL D 242 16.36 -20.92 -7.62
N ARG D 243 17.60 -21.21 -7.25
CA ARG D 243 18.29 -20.47 -6.21
C ARG D 243 18.39 -18.98 -6.57
N LYS D 244 17.93 -18.14 -5.66
CA LYS D 244 17.83 -16.72 -5.91
C LYS D 244 18.84 -15.89 -5.13
N SER D 245 19.48 -16.47 -4.13
CA SER D 245 20.49 -15.73 -3.38
C SER D 245 21.43 -16.71 -2.77
N ILE D 246 22.64 -16.25 -2.52
CA ILE D 246 23.66 -17.09 -1.93
C ILE D 246 24.44 -16.23 -0.99
N GLY D 247 24.64 -16.71 0.22
CA GLY D 247 25.35 -15.90 1.19
C GLY D 247 26.07 -16.69 2.28
N ARG D 248 26.69 -15.95 3.18
CA ARG D 248 27.47 -16.56 4.24
C ARG D 248 27.57 -15.58 5.38
N ILE D 249 27.37 -16.05 6.61
CA ILE D 249 27.43 -15.14 7.74
C ILE D 249 28.07 -15.87 8.92
N VAL D 250 28.96 -15.19 9.64
CA VAL D 250 29.83 -15.85 10.62
C VAL D 250 29.81 -15.07 11.94
N THR D 251 30.04 -15.78 13.05
CA THR D 251 30.06 -15.17 14.37
C THR D 251 31.52 -14.82 14.62
N MET D 252 31.78 -13.58 15.01
CA MET D 252 33.14 -13.15 15.26
C MET D 252 33.59 -13.60 16.66
N LYS D 253 34.89 -13.68 16.89
CA LYS D 253 35.39 -14.19 18.16
C LYS D 253 34.92 -13.25 19.28
N ARG D 254 34.81 -11.96 18.97
CA ARG D 254 34.28 -11.02 19.93
C ARG D 254 33.52 -9.93 19.22
N ASN D 255 32.63 -9.26 19.93
CA ASN D 255 31.87 -8.19 19.34
C ASN D 255 32.75 -7.00 19.01
N SER D 256 32.26 -6.17 18.12
CA SER D 256 33.13 -5.13 17.60
C SER D 256 32.37 -4.15 16.77
N ARG D 257 32.91 -2.94 16.76
CA ARG D 257 32.49 -1.90 15.85
C ARG D 257 33.74 -1.37 15.22
N ASN D 258 34.80 -2.17 15.26
CA ASN D 258 36.08 -1.79 14.69
C ASN D 258 36.26 -2.34 13.30
N LEU D 259 36.35 -1.44 12.34
CA LEU D 259 36.39 -1.82 10.95
C LEU D 259 37.47 -2.83 10.61
N GLU D 260 38.70 -2.60 11.04
CA GLU D 260 39.79 -3.51 10.70
CA GLU D 260 39.80 -3.51 10.71
C GLU D 260 39.62 -4.89 11.37
N GLU D 261 38.85 -4.93 12.45
CA GLU D 261 38.66 -6.19 13.16
C GLU D 261 37.59 -7.02 12.43
N ILE D 262 36.59 -6.35 11.88
CA ILE D 262 35.48 -7.02 11.21
C ILE D 262 35.83 -7.46 9.80
N LYS D 263 36.58 -6.64 9.06
CA LYS D 263 36.85 -6.92 7.65
C LYS D 263 37.26 -8.36 7.33
N PRO D 264 38.16 -8.94 8.13
CA PRO D 264 38.62 -10.29 7.76
C PRO D 264 37.48 -11.32 7.75
N TYR D 265 36.54 -11.13 8.67
CA TYR D 265 35.39 -12.03 8.75
C TYR D 265 34.53 -11.82 7.51
N LEU D 266 34.34 -10.55 7.16
CA LEU D 266 33.51 -10.20 6.01
C LEU D 266 34.12 -10.70 4.72
N PHE D 267 35.45 -10.60 4.56
CA PHE D 267 36.09 -11.01 3.33
C PHE D 267 36.06 -12.53 3.20
N ARG D 268 36.23 -13.25 4.31
CA ARG D 268 36.10 -14.70 4.23
C ARG D 268 34.68 -15.08 3.80
N ALA D 269 33.68 -14.36 4.29
CA ALA D 269 32.31 -14.69 3.93
C ALA D 269 32.08 -14.44 2.44
N ILE D 270 32.68 -13.37 1.94
CA ILE D 270 32.64 -13.11 0.52
C ILE D 270 33.33 -14.19 -0.32
N GLU D 271 34.52 -14.60 0.10
CA GLU D 271 35.26 -15.64 -0.62
C GLU D 271 34.44 -16.93 -0.72
N GLU D 272 33.92 -17.38 0.43
CA GLU D 272 33.14 -18.61 0.48
C GLU D 272 31.87 -18.49 -0.31
N SER D 273 31.27 -17.30 -0.27
CA SER D 273 30.10 -17.05 -1.11
C SER D 273 30.44 -17.16 -2.58
N TYR D 274 31.58 -16.60 -2.99
CA TYR D 274 31.92 -16.61 -4.42
C TYR D 274 32.25 -18.02 -4.88
N TYR D 275 32.84 -18.80 -3.99
CA TYR D 275 33.08 -20.23 -4.26
C TYR D 275 31.76 -20.92 -4.56
N LYS D 276 30.77 -20.70 -3.71
CA LYS D 276 29.45 -21.26 -3.91
C LYS D 276 28.74 -20.69 -5.16
N LEU D 277 28.90 -19.41 -5.42
CA LEU D 277 28.28 -18.83 -6.64
C LEU D 277 28.73 -19.56 -7.90
N ASP D 278 30.00 -19.96 -7.91
CA ASP D 278 30.62 -20.60 -9.06
CA ASP D 278 30.60 -20.61 -9.07
C ASP D 278 30.57 -19.68 -10.28
N LYS D 279 29.82 -20.06 -11.32
CA LYS D 279 29.76 -19.23 -12.52
C LYS D 279 28.66 -18.18 -12.44
N ARG D 280 27.88 -18.17 -11.37
CA ARG D 280 26.82 -17.17 -11.25
C ARG D 280 27.43 -15.83 -10.91
N ILE D 281 26.94 -14.79 -11.55
CA ILE D 281 27.45 -13.47 -11.30
C ILE D 281 26.33 -12.58 -10.77
N PRO D 282 26.48 -12.10 -9.53
CA PRO D 282 25.41 -11.34 -8.87
C PRO D 282 25.43 -9.85 -9.21
N LYS D 283 24.26 -9.22 -9.33
CA LYS D 283 24.25 -7.76 -9.45
C LYS D 283 23.93 -7.05 -8.13
N ALA D 284 23.53 -7.80 -7.10
CA ALA D 284 23.16 -7.18 -5.83
C ALA D 284 23.97 -7.82 -4.70
N ILE D 285 24.36 -6.95 -3.76
CA ILE D 285 25.08 -7.36 -2.56
C ILE D 285 24.43 -6.68 -1.36
N HIS D 286 24.17 -7.47 -0.33
CA HIS D 286 23.71 -6.92 0.95
C HIS D 286 24.63 -7.38 2.08
N VAL D 287 25.04 -6.46 2.94
CA VAL D 287 25.86 -6.82 4.09
C VAL D 287 24.91 -6.93 5.27
N VAL D 288 25.04 -8.00 6.04
CA VAL D 288 24.10 -8.28 7.10
C VAL D 288 24.88 -8.38 8.38
N ALA D 289 24.40 -7.66 9.38
CA ALA D 289 25.00 -7.66 10.71
C ALA D 289 24.00 -8.18 11.72
N VAL D 290 24.44 -9.11 12.57
CA VAL D 290 23.67 -9.49 13.76
C VAL D 290 24.33 -8.75 14.89
N THR D 291 23.56 -7.87 15.53
CA THR D 291 24.11 -6.99 16.56
C THR D 291 24.16 -7.71 17.91
N GLU D 292 24.92 -7.15 18.85
CA GLU D 292 25.14 -7.76 20.16
C GLU D 292 23.88 -8.26 20.84
N ASP D 293 22.74 -7.63 20.56
CA ASP D 293 21.46 -8.01 21.14
C ASP D 293 20.63 -8.92 20.25
N LEU D 294 21.27 -9.46 19.20
CA LEU D 294 20.64 -10.43 18.32
C LEU D 294 19.62 -9.81 17.36
N ASP D 295 19.64 -8.49 17.21
CA ASP D 295 18.85 -7.84 16.15
C ASP D 295 19.63 -8.01 14.85
N ILE D 296 18.95 -7.83 13.72
CA ILE D 296 19.58 -8.01 12.42
C ILE D 296 19.44 -6.73 11.62
N VAL D 297 20.58 -6.21 11.15
CA VAL D 297 20.64 -4.99 10.38
C VAL D 297 21.31 -5.28 9.03
N SER D 298 20.71 -4.82 7.94
CA SER D 298 21.17 -5.08 6.58
C SER D 298 21.28 -3.79 5.78
N ARG D 299 22.33 -3.67 4.99
CA ARG D 299 22.45 -2.58 4.00
C ARG D 299 22.93 -3.19 2.71
N GLY D 300 22.31 -2.79 1.61
CA GLY D 300 22.60 -3.39 0.34
C GLY D 300 22.52 -2.42 -0.82
N ARG D 301 22.97 -2.92 -1.96
CA ARG D 301 23.01 -2.15 -3.20
C ARG D 301 22.95 -3.08 -4.41
N THR D 302 22.12 -2.68 -5.37
CA THR D 302 22.07 -3.30 -6.67
C THR D 302 22.87 -2.45 -7.66
N PHE D 303 23.67 -3.12 -8.47
CA PHE D 303 24.51 -2.49 -9.48
C PHE D 303 23.92 -2.66 -10.85
N PRO D 304 24.31 -1.80 -11.80
CA PRO D 304 23.82 -1.96 -13.17
C PRO D 304 24.57 -3.04 -13.93
N HIS D 305 25.54 -3.70 -13.28
CA HIS D 305 26.33 -4.75 -13.92
C HIS D 305 26.65 -5.82 -12.89
N GLY D 306 27.23 -6.93 -13.35
CA GLY D 306 27.66 -8.02 -12.46
C GLY D 306 28.80 -7.56 -11.57
N ILE D 307 28.86 -8.12 -10.37
CA ILE D 307 29.84 -7.75 -9.37
C ILE D 307 30.98 -8.75 -9.33
N SER D 308 32.18 -8.30 -9.65
CA SER D 308 33.36 -9.16 -9.52
C SER D 308 33.64 -9.40 -8.04
N LYS D 309 34.43 -10.41 -7.72
CA LYS D 309 34.73 -10.68 -6.32
C LYS D 309 35.43 -9.49 -5.70
N GLU D 310 36.34 -8.86 -6.47
CA GLU D 310 37.06 -7.72 -5.93
C GLU D 310 36.16 -6.52 -5.66
N THR D 311 35.17 -6.29 -6.51
CA THR D 311 34.25 -5.19 -6.28
C THR D 311 33.36 -5.47 -5.06
N ALA D 312 33.06 -6.74 -4.86
CA ALA D 312 32.28 -7.20 -3.69
C ALA D 312 33.02 -6.80 -2.41
N TYR D 313 34.32 -7.06 -2.36
CA TYR D 313 35.11 -6.65 -1.21
C TYR D 313 34.95 -5.16 -0.94
N SER D 314 35.22 -4.33 -1.94
CA SER D 314 35.27 -2.92 -1.63
C SER D 314 33.89 -2.36 -1.34
N GLU D 315 32.86 -2.80 -2.07
CA GLU D 315 31.52 -2.31 -1.81
CA GLU D 315 31.52 -2.32 -1.81
C GLU D 315 31.00 -2.83 -0.47
N SER D 316 31.39 -4.06 -0.10
CA SER D 316 30.95 -4.60 1.18
C SER D 316 31.43 -3.69 2.30
N VAL D 317 32.64 -3.17 2.16
CA VAL D 317 33.15 -2.32 3.23
C VAL D 317 32.32 -1.04 3.34
N LYS D 318 31.91 -0.48 2.19
CA LYS D 318 31.12 0.76 2.26
C LYS D 318 29.78 0.51 2.89
N LEU D 319 29.16 -0.65 2.59
CA LEU D 319 27.92 -1.02 3.25
C LEU D 319 28.09 -1.24 4.77
N LEU D 320 29.17 -1.89 5.15
CA LEU D 320 29.46 -2.08 6.56
C LEU D 320 29.61 -0.71 7.28
N GLN D 321 30.33 0.21 6.66
CA GLN D 321 30.43 1.58 7.20
C GLN D 321 29.04 2.19 7.39
N LYS D 322 28.16 1.99 6.43
CA LYS D 322 26.79 2.51 6.54
C LYS D 322 26.07 1.92 7.74
N ILE D 323 26.19 0.62 7.96
CA ILE D 323 25.58 -0.01 9.12
C ILE D 323 26.17 0.63 10.39
N LEU D 324 27.50 0.77 10.43
CA LEU D 324 28.17 1.29 11.62
C LEU D 324 27.70 2.73 11.86
N GLU D 325 27.50 3.48 10.79
CA GLU D 325 27.07 4.87 10.87
C GLU D 325 25.65 5.00 11.41
N GLU D 326 24.77 4.09 11.00
CA GLU D 326 23.35 4.24 11.24
C GLU D 326 22.82 3.39 12.38
N ASP D 327 23.70 2.54 12.94
CA ASP D 327 23.37 1.75 14.12
C ASP D 327 24.55 1.78 15.10
N GLU D 328 24.28 2.18 16.34
CA GLU D 328 25.34 2.36 17.34
C GLU D 328 25.75 1.05 18.01
N ARG D 329 24.89 0.04 17.91
CA ARG D 329 25.13 -1.24 18.57
C ARG D 329 26.40 -1.94 18.08
N LYS D 330 26.95 -2.79 18.92
CA LYS D 330 28.13 -3.55 18.56
C LYS D 330 27.68 -4.72 17.69
N ILE D 331 28.58 -5.21 16.86
CA ILE D 331 28.25 -6.28 15.93
C ILE D 331 28.78 -7.62 16.46
N ARG D 332 27.91 -8.64 16.45
CA ARG D 332 28.28 -9.99 16.89
C ARG D 332 28.58 -10.90 15.69
N ARG D 333 27.66 -10.91 14.72
CA ARG D 333 27.88 -11.67 13.47
C ARG D 333 27.89 -10.72 12.27
N ILE D 334 28.64 -11.10 11.25
CA ILE D 334 28.76 -10.29 10.04
C ILE D 334 28.75 -11.19 8.82
N GLY D 335 28.06 -10.77 7.76
CA GLY D 335 28.00 -11.62 6.59
C GLY D 335 27.49 -10.89 5.37
N VAL D 336 27.20 -11.64 4.33
CA VAL D 336 26.90 -11.06 3.02
C VAL D 336 25.89 -11.97 2.33
N ARG D 337 25.03 -11.34 1.53
CA ARG D 337 24.10 -12.04 0.65
C ARG D 337 24.16 -11.47 -0.75
N PHE D 338 24.25 -12.36 -1.73
CA PHE D 338 24.33 -11.98 -3.15
C PHE D 338 23.08 -12.48 -3.87
N SER D 339 22.57 -11.68 -4.79
CA SER D 339 21.33 -11.99 -5.48
C SER D 339 21.29 -11.30 -6.85
N LYS D 340 20.19 -11.46 -7.58
CA LYS D 340 20.01 -10.85 -8.92
C LYS D 340 21.12 -11.34 -9.84
N PHE D 341 21.16 -12.65 -10.04
CA PHE D 341 22.22 -13.27 -10.81
C PHE D 341 22.02 -13.06 -12.30
N ILE D 342 23.11 -12.92 -13.03
CA ILE D 342 22.99 -12.61 -14.44
C ILE D 342 22.53 -13.84 -15.24
N1 DCP G . -12.51 21.77 -11.73
C2 DCP G . -13.65 21.17 -12.14
N3 DCP G . -14.72 21.85 -12.56
C4 DCP G . -14.63 23.19 -12.62
C5 DCP G . -13.48 23.86 -12.24
C6 DCP G . -12.38 23.12 -11.79
O2 DCP G . -13.73 19.83 -12.12
N4 DCP G . -15.73 23.98 -13.09
C1' DCP G . -11.34 21.00 -11.31
C2' DCP G . -10.40 20.88 -12.46
C3' DCP G . -9.32 21.85 -12.14
C4' DCP G . -9.28 21.80 -10.71
O4' DCP G . -10.67 21.71 -10.30
O3' DCP G . -8.06 21.54 -12.74
C5' DCP G . -8.71 23.04 -10.15
O5' DCP G . -9.46 24.19 -10.46
PA DCP G . -8.78 25.58 -10.72
O1A DCP G . -9.82 26.65 -10.54
O2A DCP G . -7.71 25.81 -9.75
O3A DCP G . -8.25 25.62 -12.19
PB DCP G . -7.04 24.91 -12.89
O1B DCP G . -6.11 24.22 -11.98
O2B DCP G . -7.57 23.90 -13.86
O3B DCP G . -6.33 26.05 -13.74
PG DCP G . -5.49 27.25 -13.10
O1G DCP G . -4.11 27.14 -13.67
O2G DCP G . -6.11 28.50 -13.64
O3G DCP G . -5.48 27.23 -11.56
CA CA H . -5.26 25.40 -10.04
CA CA I . -7.45 26.11 -7.42
N1 DCP J . 16.67 -26.67 10.53
C2 DCP J . 17.56 -25.76 11.00
N3 DCP J . 17.21 -24.79 11.82
C4 DCP J . 15.94 -24.70 12.24
C5 DCP J . 14.98 -25.63 11.82
C6 DCP J . 15.37 -26.63 10.93
O2 DCP J . 18.84 -25.82 10.62
N4 DCP J . 15.53 -23.68 13.15
C1' DCP J . 17.08 -27.76 9.63
C2' DCP J . 17.30 -28.99 10.44
C3' DCP J . 16.09 -29.81 10.17
C4' DCP J . 15.78 -29.48 8.79
O4' DCP J . 16.05 -28.07 8.72
O3' DCP J . 16.30 -31.18 10.41
C5' DCP J . 14.37 -29.69 8.47
O5' DCP J . 13.50 -28.96 9.29
PA DCP J . 12.08 -29.48 9.75
O1A DCP J . 11.25 -28.30 10.10
O2A DCP J . 11.45 -30.21 8.67
O3A DCP J . 12.30 -30.37 11.02
PB DCP J . 12.91 -31.82 11.18
O1B DCP J . 13.11 -32.54 9.93
O2B DCP J . 14.20 -31.68 11.92
O3B DCP J . 11.88 -32.57 12.13
PG DCP J . 10.44 -33.06 11.63
O1G DCP J . 10.44 -34.56 11.83
O2G DCP J . 9.45 -32.52 12.62
O3G DCP J . 10.11 -32.70 10.17
CA CA K . 11.44 -32.66 8.24
CA CA L . 10.60 -29.75 6.46
#